data_4Y4R
#
_entry.id   4Y4R
#
_cell.length_a   86.060
_cell.length_b   144.210
_cell.length_c   144.210
_cell.angle_alpha   90.00
_cell.angle_beta   90.00
_cell.angle_gamma   90.00
#
_symmetry.space_group_name_H-M   'P 21 21 21'
#
loop_
_entity.id
_entity.type
_entity.pdbx_description
1 polymer 'Bifunctional lysine-specific demethylase and histidyl-hydroxylase NO66'
2 non-polymer 'NICKEL (II) ION'
3 non-polymer 'ACETATE ION'
4 water water
#
_entity_poly.entity_id   1
_entity_poly.type   'polypeptide(L)'
_entity_poly.pdbx_seq_one_letter_code
;GGEPAWDSPLRRVLAELNRIPSSRRRAARLFEWLIAPMPPDHFYRRLWEREAVLVRRQDHTYYQGLFSTADLDSMLRNEE
VQFGQHLDAARYINGRRETLNPPGRALPAAAWSLYQAGCSLRLLCPQAFSTTVWQFLAVLQEQFGSMAGSNVYLTPPNSQ
GFAPHYDDIEAFVLQLEGRKLWRVYRPRVPTEELALTSSPNFSQDDLGEPVLQTVLEPGDLLYFPRGFIHQAECQDGVHS
LHLTLSTYQRNTWGDFLEAILPLAVQAAMEENVEFRRGLPRDFMDYMGAQHSDSKDPRRTAFMEKVRVLVARLGHFAPVD
AVADQRAKDFIHDSLPPVLTDRERALSVYGGGGQLTTETEVHMLQDGIARLVGEGGHLFLYYTVENSRVYHLEEPKCLEI
YPQQADAMELLLGSYPEFVRVGDLPCDSVEDQLSLATTLYDKGLLLTKMPLALN
;
_entity_poly.pdbx_strand_id   A,B
#
loop_
_chem_comp.id
_chem_comp.type
_chem_comp.name
_chem_comp.formula
ACT non-polymer 'ACETATE ION' 'C2 H3 O2 -1'
NI non-polymer 'NICKEL (II) ION' 'Ni 2'
#
# COMPACT_ATOMS: atom_id res chain seq x y z
N TRP A 6 39.78 -19.43 -34.29
CA TRP A 6 39.16 -18.08 -34.48
C TRP A 6 37.62 -18.12 -34.62
N ASP A 7 37.08 -19.09 -35.37
CA ASP A 7 35.66 -19.10 -35.77
C ASP A 7 34.75 -20.15 -35.10
N SER A 8 34.05 -19.73 -34.05
CA SER A 8 33.24 -20.62 -33.23
C SER A 8 31.77 -20.43 -33.51
N PRO A 9 30.92 -21.28 -32.91
CA PRO A 9 29.48 -21.08 -33.10
C PRO A 9 29.02 -19.73 -32.61
N LEU A 10 29.53 -19.31 -31.44
CA LEU A 10 29.23 -18.00 -30.87
C LEU A 10 29.64 -16.92 -31.81
N ARG A 11 30.91 -16.88 -32.18
CA ARG A 11 31.32 -15.87 -33.15
C ARG A 11 30.38 -15.91 -34.37
N ARG A 12 29.94 -17.12 -34.75
CA ARG A 12 29.06 -17.26 -35.92
C ARG A 12 27.64 -16.77 -35.73
N VAL A 13 27.05 -17.03 -34.58
CA VAL A 13 25.69 -16.57 -34.31
C VAL A 13 25.68 -15.05 -34.19
N LEU A 14 26.70 -14.47 -33.58
CA LEU A 14 26.77 -13.02 -33.44
C LEU A 14 26.90 -12.29 -34.78
N ALA A 15 27.65 -12.89 -35.69
CA ALA A 15 27.75 -12.38 -37.03
C ALA A 15 26.46 -12.62 -37.78
N GLU A 16 25.67 -13.59 -37.33
CA GLU A 16 24.32 -13.81 -37.90
C GLU A 16 23.34 -12.77 -37.40
N LEU A 17 23.43 -12.42 -36.12
CA LEU A 17 22.54 -11.44 -35.52
C LEU A 17 22.72 -10.12 -36.21
N ASN A 18 23.96 -9.80 -36.59
CA ASN A 18 24.24 -8.55 -37.24
C ASN A 18 23.62 -8.42 -38.61
N ARG A 19 23.14 -9.52 -39.18
CA ARG A 19 22.45 -9.51 -40.47
C ARG A 19 20.94 -9.68 -40.35
N ILE A 20 20.41 -9.59 -39.13
CA ILE A 20 18.97 -9.75 -38.86
C ILE A 20 18.41 -8.39 -38.48
N PRO A 21 17.56 -7.83 -39.34
CA PRO A 21 17.15 -6.43 -39.20
C PRO A 21 16.16 -6.06 -38.06
N SER A 22 15.36 -6.99 -37.55
CA SER A 22 14.50 -6.67 -36.43
C SER A 22 15.24 -6.99 -35.18
N SER A 23 15.18 -6.10 -34.20
CA SER A 23 15.90 -6.30 -32.94
C SER A 23 15.18 -7.33 -32.10
N ARG A 24 13.91 -7.55 -32.42
CA ARG A 24 13.11 -8.47 -31.67
C ARG A 24 13.32 -9.86 -32.18
N ARG A 25 13.67 -10.01 -33.46
CA ARG A 25 14.06 -11.32 -34.00
C ARG A 25 15.44 -11.71 -33.51
N ARG A 26 16.33 -10.74 -33.41
CA ARG A 26 17.68 -11.02 -32.98
C ARG A 26 17.64 -11.62 -31.62
N ALA A 27 16.76 -11.13 -30.77
CA ALA A 27 16.68 -11.65 -29.39
C ALA A 27 16.21 -13.07 -29.34
N ALA A 28 15.09 -13.36 -29.99
CA ALA A 28 14.58 -14.73 -30.15
C ALA A 28 15.67 -15.63 -30.60
N ARG A 29 16.24 -15.29 -31.75
CA ARG A 29 17.28 -16.09 -32.35
C ARG A 29 18.45 -16.34 -31.40
N LEU A 30 18.85 -15.39 -30.58
CA LEU A 30 20.00 -15.62 -29.73
C LEU A 30 19.65 -16.61 -28.65
N PHE A 31 18.42 -16.62 -28.18
CA PHE A 31 18.01 -17.54 -27.15
C PHE A 31 17.90 -18.94 -27.70
N GLU A 32 17.21 -19.07 -28.82
CA GLU A 32 17.21 -20.32 -29.56
C GLU A 32 18.61 -20.89 -29.66
N TRP A 33 19.60 -20.06 -29.86
CA TRP A 33 20.99 -20.51 -29.91
C TRP A 33 21.38 -20.97 -28.51
N LEU A 34 21.18 -20.12 -27.52
CA LEU A 34 21.61 -20.41 -26.15
C LEU A 34 21.11 -21.73 -25.54
N ILE A 35 19.87 -22.13 -25.82
CA ILE A 35 19.36 -23.39 -25.25
C ILE A 35 19.27 -24.51 -26.25
N ALA A 36 19.72 -24.26 -27.48
CA ALA A 36 19.81 -25.32 -28.49
C ALA A 36 20.40 -26.58 -27.90
N PRO A 37 19.89 -27.74 -28.30
CA PRO A 37 18.98 -28.04 -29.41
C PRO A 37 17.51 -28.09 -29.02
N MET A 38 17.20 -27.68 -27.81
CA MET A 38 15.81 -27.57 -27.40
C MET A 38 15.16 -26.43 -28.12
N PRO A 39 13.89 -26.59 -28.50
CA PRO A 39 13.24 -25.40 -28.98
C PRO A 39 12.80 -24.50 -27.81
N PRO A 40 12.84 -23.16 -27.97
CA PRO A 40 12.48 -22.30 -26.85
C PRO A 40 11.00 -22.46 -26.45
N ASP A 41 10.19 -22.60 -27.48
CA ASP A 41 8.77 -22.79 -27.33
C ASP A 41 8.44 -23.86 -26.26
N HIS A 42 9.06 -25.02 -26.39
CA HIS A 42 8.87 -26.13 -25.43
C HIS A 42 9.45 -25.74 -24.06
N PHE A 43 10.61 -25.09 -24.06
CA PHE A 43 11.31 -24.71 -22.82
C PHE A 43 10.51 -23.77 -21.96
N TYR A 44 9.85 -22.79 -22.58
CA TYR A 44 9.15 -21.75 -21.82
C TYR A 44 7.78 -22.21 -21.31
N ARG A 45 7.16 -23.16 -22.03
CA ARG A 45 5.88 -23.75 -21.61
C ARG A 45 6.06 -24.75 -20.46
N ARG A 46 6.93 -25.75 -20.68
CA ARG A 46 7.10 -26.86 -19.76
C ARG A 46 8.14 -26.71 -18.69
N LEU A 47 9.29 -26.16 -19.01
CA LEU A 47 10.46 -26.20 -18.09
C LEU A 47 10.83 -24.89 -17.36
N TRP A 48 10.55 -23.75 -17.96
CA TRP A 48 10.83 -22.45 -17.35
C TRP A 48 10.09 -22.36 -16.04
N GLU A 49 10.82 -22.09 -14.98
CA GLU A 49 10.27 -21.92 -13.63
C GLU A 49 9.80 -23.22 -13.03
N ARG A 50 9.82 -24.31 -13.80
CA ARG A 50 9.39 -25.61 -13.31
C ARG A 50 10.56 -26.59 -12.99
N GLU A 51 11.46 -26.77 -13.96
CA GLU A 51 12.44 -27.83 -13.90
C GLU A 51 13.84 -27.35 -14.10
N ALA A 52 14.82 -28.05 -13.54
CA ALA A 52 16.22 -27.84 -13.95
C ALA A 52 16.44 -28.46 -15.32
N VAL A 53 17.39 -27.92 -16.07
CA VAL A 53 17.59 -28.33 -17.47
C VAL A 53 19.08 -28.30 -17.71
N LEU A 54 19.56 -29.31 -18.42
CA LEU A 54 20.98 -29.45 -18.69
C LEU A 54 21.12 -29.71 -20.14
N VAL A 55 22.02 -29.00 -20.78
CA VAL A 55 22.21 -29.20 -22.18
C VAL A 55 23.58 -29.80 -22.24
N ARG A 56 23.61 -31.09 -22.55
CA ARG A 56 24.84 -31.79 -22.92
C ARG A 56 24.97 -31.42 -24.38
N ARG A 57 26.04 -30.70 -24.71
CA ARG A 57 26.13 -30.06 -26.01
C ARG A 57 27.05 -30.76 -26.95
N GLN A 58 28.06 -31.43 -26.40
CA GLN A 58 29.18 -32.01 -27.16
C GLN A 58 29.69 -30.93 -28.04
N ASP A 59 30.24 -29.89 -27.43
CA ASP A 59 30.98 -28.90 -28.20
C ASP A 59 31.67 -28.03 -27.20
N HIS A 60 32.98 -27.97 -27.30
CA HIS A 60 33.78 -27.24 -26.35
C HIS A 60 33.88 -25.83 -26.89
N THR A 61 33.92 -25.73 -28.22
CA THR A 61 34.00 -24.46 -28.95
C THR A 61 32.76 -23.58 -28.86
N TYR A 62 31.66 -24.07 -28.32
CA TYR A 62 30.36 -23.36 -28.41
C TYR A 62 30.43 -21.90 -28.02
N TYR A 63 30.79 -21.62 -26.77
CA TYR A 63 30.82 -20.25 -26.27
C TYR A 63 32.15 -19.55 -26.51
N GLN A 64 32.89 -19.96 -27.52
CA GLN A 64 34.18 -19.34 -27.77
C GLN A 64 34.06 -17.91 -28.27
N GLY A 65 34.53 -16.96 -27.47
CA GLY A 65 34.53 -15.54 -27.81
C GLY A 65 34.03 -14.78 -26.63
N LEU A 66 33.02 -15.35 -26.02
CA LEU A 66 32.22 -14.69 -25.00
C LEU A 66 33.14 -14.09 -23.94
N PHE A 67 33.83 -14.97 -23.23
CA PHE A 67 34.71 -14.59 -22.15
C PHE A 67 35.67 -15.73 -21.89
N SER A 68 36.91 -15.35 -21.54
CA SER A 68 37.99 -16.28 -21.29
C SER A 68 38.65 -15.83 -20.03
N THR A 69 39.59 -16.65 -19.54
CA THR A 69 40.41 -16.30 -18.35
C THR A 69 41.31 -15.11 -18.64
N ALA A 70 41.93 -15.12 -19.82
CA ALA A 70 42.74 -14.00 -20.27
C ALA A 70 41.97 -12.68 -20.15
N ASP A 71 40.77 -12.64 -20.73
CA ASP A 71 39.89 -11.47 -20.70
C ASP A 71 39.74 -10.95 -19.27
N LEU A 72 39.72 -11.85 -18.29
CA LEU A 72 39.70 -11.51 -16.88
C LEU A 72 41.03 -10.93 -16.37
N ASP A 73 42.15 -11.36 -16.95
CA ASP A 73 43.45 -10.79 -16.55
C ASP A 73 43.49 -9.35 -17.04
N SER A 74 43.35 -9.18 -18.35
CA SER A 74 43.40 -7.85 -19.01
C SER A 74 42.42 -6.86 -18.44
N MET A 75 41.34 -7.37 -17.88
CA MET A 75 40.46 -6.56 -17.08
C MET A 75 41.23 -6.09 -15.86
N LEU A 76 41.69 -7.03 -15.05
CA LEU A 76 42.31 -6.71 -13.77
C LEU A 76 43.45 -5.69 -13.87
N ARG A 77 44.25 -5.83 -14.92
CA ARG A 77 45.41 -4.99 -15.06
C ARG A 77 45.06 -3.66 -15.73
N ASN A 78 44.13 -3.68 -16.70
CA ASN A 78 43.77 -2.45 -17.48
C ASN A 78 42.49 -1.68 -17.14
N GLU A 79 41.85 -2.00 -16.03
CA GLU A 79 40.69 -1.24 -15.56
C GLU A 79 40.75 -1.24 -14.04
N GLU A 80 40.29 -0.16 -13.43
CA GLU A 80 40.20 -0.14 -11.97
C GLU A 80 39.09 -1.08 -11.53
N VAL A 81 39.47 -2.34 -11.34
CA VAL A 81 38.58 -3.36 -10.83
C VAL A 81 38.85 -3.38 -9.34
N GLN A 82 37.82 -3.37 -8.50
CA GLN A 82 38.07 -3.19 -7.08
C GLN A 82 37.30 -4.14 -6.19
N PHE A 83 37.98 -4.66 -5.19
CA PHE A 83 37.40 -5.65 -4.32
C PHE A 83 36.19 -5.06 -3.65
N GLY A 84 35.25 -5.93 -3.29
CA GLY A 84 33.91 -5.53 -2.87
C GLY A 84 33.06 -5.13 -4.06
N GLN A 85 33.42 -3.98 -4.63
CA GLN A 85 32.60 -3.30 -5.62
C GLN A 85 32.51 -4.03 -6.99
N HIS A 86 33.62 -4.54 -7.49
CA HIS A 86 33.62 -5.24 -8.78
C HIS A 86 34.05 -6.67 -8.70
N LEU A 87 34.63 -7.10 -7.56
CA LEU A 87 35.28 -8.42 -7.53
C LEU A 87 35.26 -9.02 -6.17
N ASP A 88 34.92 -10.29 -6.09
CA ASP A 88 34.82 -10.97 -4.82
C ASP A 88 35.61 -12.25 -4.89
N ALA A 89 36.36 -12.48 -3.82
CA ALA A 89 36.99 -13.75 -3.58
C ALA A 89 36.14 -14.49 -2.54
N ALA A 90 36.10 -15.80 -2.67
CA ALA A 90 35.19 -16.60 -1.84
C ALA A 90 35.70 -18.02 -1.67
N ARG A 91 35.54 -18.57 -0.46
CA ARG A 91 35.96 -19.95 -0.13
C ARG A 91 35.02 -20.74 0.74
N TYR A 92 34.79 -21.98 0.33
CA TYR A 92 33.99 -22.90 1.12
C TYR A 92 34.87 -24.06 1.56
N ILE A 93 35.06 -24.20 2.88
CA ILE A 93 35.84 -25.31 3.43
C ILE A 93 35.28 -25.87 4.74
N ASN A 94 35.07 -27.18 4.76
CA ASN A 94 34.83 -27.89 6.01
C ASN A 94 33.45 -27.62 6.59
N GLY A 95 32.62 -26.84 5.89
CA GLY A 95 31.29 -26.44 6.40
C GLY A 95 30.93 -24.97 6.24
N ARG A 96 31.91 -24.08 6.46
CA ARG A 96 31.69 -22.60 6.40
C ARG A 96 32.13 -21.96 5.07
N ARG A 97 31.43 -20.87 4.70
CA ARG A 97 31.97 -19.89 3.76
C ARG A 97 32.79 -18.95 4.61
N GLU A 98 33.86 -18.42 4.06
CA GLU A 98 34.54 -17.29 4.70
C GLU A 98 34.90 -16.27 3.62
N THR A 99 34.56 -15.01 3.86
CA THR A 99 34.79 -13.97 2.85
C THR A 99 36.01 -13.15 3.23
N LEU A 100 36.82 -12.93 2.21
CA LEU A 100 38.13 -12.34 2.32
C LEU A 100 38.21 -11.35 1.16
N ASN A 101 37.89 -10.09 1.42
CA ASN A 101 38.10 -9.05 0.40
C ASN A 101 39.09 -8.09 1.03
N PRO A 102 40.39 -8.23 0.70
CA PRO A 102 41.32 -7.25 1.26
C PRO A 102 41.04 -5.85 0.73
N PRO A 103 40.69 -4.88 1.62
CA PRO A 103 40.36 -3.60 1.00
C PRO A 103 41.36 -3.23 -0.11
N GLY A 104 40.88 -2.46 -1.08
CA GLY A 104 41.73 -1.94 -2.13
C GLY A 104 41.32 -2.24 -3.56
N ARG A 105 42.27 -2.02 -4.43
CA ARG A 105 42.10 -2.14 -5.86
C ARG A 105 42.68 -3.51 -6.28
N ALA A 106 41.81 -4.46 -6.63
CA ALA A 106 42.29 -5.75 -7.15
C ALA A 106 43.15 -5.55 -8.41
N LEU A 107 44.47 -5.77 -8.23
CA LEU A 107 45.42 -5.84 -9.37
C LEU A 107 45.60 -7.35 -9.56
N PRO A 108 46.36 -7.78 -10.57
CA PRO A 108 46.62 -9.25 -10.73
C PRO A 108 47.42 -9.99 -9.58
N ALA A 109 48.52 -9.39 -9.13
CA ALA A 109 49.25 -9.87 -7.96
C ALA A 109 48.31 -10.33 -6.84
N ALA A 110 47.45 -9.44 -6.37
CA ALA A 110 46.58 -9.75 -5.22
C ALA A 110 45.47 -10.72 -5.60
N ALA A 111 45.21 -10.85 -6.90
CA ALA A 111 44.12 -11.68 -7.38
C ALA A 111 44.58 -13.11 -7.43
N TRP A 112 45.61 -13.35 -8.22
CA TRP A 112 46.09 -14.71 -8.40
C TRP A 112 46.57 -15.34 -7.11
N SER A 113 47.15 -14.56 -6.20
CA SER A 113 47.52 -15.10 -4.89
C SER A 113 46.31 -15.79 -4.22
N LEU A 114 45.18 -15.09 -4.23
CA LEU A 114 43.95 -15.56 -3.57
C LEU A 114 43.41 -16.77 -4.29
N TYR A 115 43.58 -16.77 -5.60
CA TYR A 115 43.20 -17.90 -6.41
C TYR A 115 44.08 -19.08 -6.04
N GLN A 116 45.35 -18.79 -5.82
CA GLN A 116 46.34 -19.81 -5.49
C GLN A 116 46.12 -20.43 -4.15
N ALA A 117 45.69 -19.59 -3.21
CA ALA A 117 45.33 -20.01 -1.86
C ALA A 117 43.93 -20.67 -1.83
N GLY A 118 43.40 -21.03 -3.00
CA GLY A 118 42.12 -21.74 -3.11
C GLY A 118 40.86 -20.93 -3.45
N CYS A 119 40.89 -19.61 -3.26
CA CYS A 119 39.67 -18.80 -3.42
C CYS A 119 39.08 -18.90 -4.81
N SER A 120 37.76 -18.73 -4.91
CA SER A 120 37.09 -18.57 -6.20
C SER A 120 36.84 -17.11 -6.41
N LEU A 121 37.11 -16.66 -7.63
CA LEU A 121 36.95 -15.25 -7.95
C LEU A 121 35.65 -15.06 -8.65
N ARG A 122 34.95 -13.99 -8.28
CA ARG A 122 33.66 -13.68 -8.85
C ARG A 122 33.65 -12.25 -9.37
N LEU A 123 33.35 -12.10 -10.64
CA LEU A 123 33.38 -10.79 -11.29
C LEU A 123 31.95 -10.27 -11.49
N LEU A 124 31.59 -9.28 -10.67
CA LEU A 124 30.20 -8.78 -10.56
C LEU A 124 29.62 -8.07 -11.80
N CYS A 125 30.43 -7.38 -12.56
CA CYS A 125 29.95 -6.52 -13.63
C CYS A 125 30.88 -6.60 -14.85
N PRO A 126 30.87 -7.76 -15.49
CA PRO A 126 31.77 -7.94 -16.63
C PRO A 126 31.28 -7.30 -17.92
N GLN A 127 29.97 -7.06 -18.01
CA GLN A 127 29.41 -6.55 -19.25
C GLN A 127 29.80 -5.11 -19.42
N ALA A 128 30.29 -4.52 -18.34
CA ALA A 128 30.80 -3.15 -18.38
C ALA A 128 32.08 -3.13 -19.15
N PHE A 129 32.96 -4.09 -18.87
CA PHE A 129 34.28 -4.14 -19.52
C PHE A 129 34.28 -5.08 -20.74
N SER A 130 33.61 -6.21 -20.69
CA SER A 130 33.48 -6.99 -21.95
C SER A 130 32.37 -6.50 -22.86
N THR A 131 32.71 -6.21 -24.10
CA THR A 131 31.74 -5.74 -25.04
C THR A 131 31.03 -6.89 -25.70
N THR A 132 31.49 -8.11 -25.51
CA THR A 132 30.68 -9.24 -26.01
C THR A 132 29.62 -9.61 -24.96
N VAL A 133 29.99 -9.64 -23.69
CA VAL A 133 29.01 -9.93 -22.67
C VAL A 133 27.89 -8.93 -22.77
N TRP A 134 28.24 -7.68 -22.99
CA TRP A 134 27.25 -6.63 -23.19
C TRP A 134 26.26 -6.96 -24.30
N GLN A 135 26.75 -7.18 -25.49
CA GLN A 135 25.86 -7.54 -26.55
C GLN A 135 25.02 -8.74 -26.18
N PHE A 136 25.64 -9.70 -25.51
CA PHE A 136 24.97 -10.94 -25.15
C PHE A 136 23.74 -10.66 -24.28
N LEU A 137 23.97 -9.94 -23.18
CA LEU A 137 22.90 -9.56 -22.26
C LEU A 137 21.90 -8.59 -22.83
N ALA A 138 22.40 -7.58 -23.51
CA ALA A 138 21.54 -6.57 -24.11
C ALA A 138 20.57 -7.17 -25.15
N VAL A 139 20.99 -8.19 -25.88
CA VAL A 139 20.07 -8.87 -26.79
C VAL A 139 19.05 -9.73 -26.03
N LEU A 140 19.51 -10.51 -25.07
CA LEU A 140 18.64 -11.44 -24.36
C LEU A 140 17.62 -10.82 -23.44
N GLN A 141 17.88 -9.63 -22.90
CA GLN A 141 16.90 -8.98 -22.04
C GLN A 141 15.68 -8.58 -22.82
N GLU A 142 15.83 -8.37 -24.12
CA GLU A 142 14.74 -7.94 -24.96
C GLU A 142 13.68 -9.00 -24.95
N GLN A 143 14.08 -10.27 -24.89
CA GLN A 143 13.14 -11.40 -24.92
C GLN A 143 12.77 -11.97 -23.56
N PHE A 144 13.50 -11.62 -22.51
CA PHE A 144 13.05 -11.93 -21.14
C PHE A 144 12.09 -10.88 -20.61
N GLY A 145 12.03 -9.74 -21.25
CA GLY A 145 11.25 -8.63 -20.70
C GLY A 145 11.56 -8.29 -19.24
N SER A 146 12.80 -8.54 -18.82
CA SER A 146 13.24 -8.15 -17.51
C SER A 146 14.72 -8.21 -17.49
N MET A 147 15.32 -7.51 -16.54
CA MET A 147 16.76 -7.34 -16.53
C MET A 147 17.52 -8.61 -16.65
N ALA A 148 18.52 -8.63 -17.53
CA ALA A 148 19.44 -9.76 -17.69
C ALA A 148 20.77 -9.33 -17.12
N GLY A 149 21.16 -9.99 -16.05
CA GLY A 149 22.38 -9.65 -15.37
C GLY A 149 23.39 -10.75 -15.59
N SER A 150 24.64 -10.49 -15.24
CA SER A 150 25.63 -11.54 -15.27
C SER A 150 26.76 -11.29 -14.31
N ASN A 151 27.31 -12.42 -13.88
CA ASN A 151 28.56 -12.53 -13.14
C ASN A 151 29.39 -13.62 -13.78
N VAL A 152 30.71 -13.49 -13.62
CA VAL A 152 31.67 -14.51 -14.06
C VAL A 152 32.37 -15.12 -12.86
N TYR A 153 32.35 -16.45 -12.78
CA TYR A 153 32.94 -17.20 -11.66
C TYR A 153 34.13 -18.06 -12.11
N LEU A 154 35.31 -17.73 -11.55
CA LEU A 154 36.52 -18.51 -11.71
C LEU A 154 36.87 -19.23 -10.44
N THR A 155 37.11 -20.53 -10.58
CA THR A 155 37.34 -21.42 -9.46
C THR A 155 38.58 -22.29 -9.73
N PRO A 156 39.58 -22.26 -8.81
CA PRO A 156 40.75 -23.10 -8.91
C PRO A 156 40.37 -24.54 -8.66
N PRO A 157 41.27 -25.49 -9.01
CA PRO A 157 41.06 -26.95 -8.79
C PRO A 157 40.88 -27.40 -7.32
N ASN A 158 40.27 -28.58 -7.16
CA ASN A 158 39.97 -29.15 -5.83
C ASN A 158 39.48 -28.15 -4.80
N SER A 159 38.48 -27.37 -5.19
CA SER A 159 37.92 -26.38 -4.29
C SER A 159 36.47 -26.07 -4.59
N GLN A 160 35.89 -25.34 -3.67
CA GLN A 160 34.52 -24.90 -3.77
C GLN A 160 34.46 -23.47 -3.22
N GLY A 161 33.99 -22.56 -4.07
CA GLY A 161 33.84 -21.14 -3.73
C GLY A 161 32.66 -20.74 -2.83
N PHE A 162 31.50 -21.34 -3.04
CA PHE A 162 30.26 -20.90 -2.34
C PHE A 162 29.52 -22.04 -1.66
N ALA A 163 28.91 -21.71 -0.52
CA ALA A 163 28.02 -22.64 0.16
C ALA A 163 26.80 -23.02 -0.70
N PRO A 164 26.13 -24.14 -0.38
CA PRO A 164 24.86 -24.41 -1.05
C PRO A 164 23.79 -23.37 -0.68
N HIS A 165 23.08 -22.85 -1.68
CA HIS A 165 22.02 -21.85 -1.46
C HIS A 165 20.87 -22.13 -2.42
N TYR A 166 19.79 -21.35 -2.30
CA TYR A 166 18.93 -21.05 -3.48
C TYR A 166 18.79 -19.55 -3.70
N ASP A 167 18.80 -19.13 -4.95
CA ASP A 167 18.72 -17.70 -5.25
C ASP A 167 17.30 -17.23 -5.40
N ASP A 168 17.13 -15.94 -5.66
CA ASP A 168 15.83 -15.37 -5.99
C ASP A 168 15.65 -15.08 -7.49
N ILE A 169 16.48 -15.71 -8.33
CA ILE A 169 16.52 -15.46 -9.79
C ILE A 169 16.54 -16.71 -10.66
N GLU A 170 16.02 -16.60 -11.86
CA GLU A 170 16.25 -17.62 -12.85
C GLU A 170 17.70 -17.52 -13.27
N ALA A 171 18.38 -18.66 -13.28
CA ALA A 171 19.81 -18.72 -13.50
C ALA A 171 20.14 -19.63 -14.63
N PHE A 172 20.93 -19.14 -15.59
CA PHE A 172 21.49 -19.96 -16.68
C PHE A 172 23.00 -20.01 -16.47
N VAL A 173 23.57 -21.20 -16.42
CA VAL A 173 25.00 -21.36 -16.24
C VAL A 173 25.67 -21.79 -17.52
N LEU A 174 26.53 -20.92 -18.02
CA LEU A 174 27.29 -21.18 -19.22
C LEU A 174 28.68 -21.60 -18.77
N GLN A 175 29.00 -22.88 -19.00
CA GLN A 175 30.32 -23.39 -18.68
C GLN A 175 31.26 -23.05 -19.84
N LEU A 176 32.30 -22.29 -19.53
CA LEU A 176 33.20 -21.71 -20.53
C LEU A 176 34.58 -22.38 -20.61
N GLU A 177 35.18 -22.66 -19.45
CA GLU A 177 36.48 -23.36 -19.35
C GLU A 177 36.47 -24.36 -18.21
N GLY A 178 37.18 -25.46 -18.41
CA GLY A 178 37.43 -26.41 -17.34
C GLY A 178 36.24 -27.30 -17.11
N ARG A 179 36.14 -27.85 -15.90
CA ARG A 179 35.07 -28.76 -15.53
C ARG A 179 34.59 -28.51 -14.10
N LYS A 180 33.34 -28.87 -13.84
CA LYS A 180 32.75 -28.61 -12.52
C LYS A 180 31.54 -29.50 -12.23
N LEU A 181 31.56 -30.04 -11.02
CA LEU A 181 30.52 -30.93 -10.56
C LEU A 181 29.39 -30.14 -9.93
N TRP A 182 28.22 -30.19 -10.55
CA TRP A 182 27.05 -29.49 -10.06
C TRP A 182 26.05 -30.43 -9.41
N ARG A 183 25.50 -30.00 -8.28
CA ARG A 183 24.36 -30.67 -7.70
C ARG A 183 23.18 -29.74 -7.51
N VAL A 184 22.05 -30.12 -8.10
CA VAL A 184 20.85 -29.31 -8.11
C VAL A 184 19.75 -30.04 -7.33
N TYR A 185 19.02 -29.31 -6.50
CA TYR A 185 18.03 -29.89 -5.61
C TYR A 185 16.66 -29.25 -5.65
N ARG A 186 15.62 -30.01 -5.97
CA ARG A 186 14.23 -29.53 -5.84
C ARG A 186 13.91 -28.69 -4.61
N PRO A 187 13.09 -27.63 -4.81
CA PRO A 187 12.65 -26.90 -3.63
C PRO A 187 12.13 -27.85 -2.55
N ARG A 188 12.68 -27.70 -1.36
CA ARG A 188 12.45 -28.66 -0.28
C ARG A 188 11.03 -28.65 0.26
N VAL A 189 10.39 -27.48 0.26
CA VAL A 189 9.02 -27.35 0.76
C VAL A 189 8.24 -26.32 -0.05
N PRO A 190 6.92 -26.48 -0.20
CA PRO A 190 6.03 -25.64 -1.02
C PRO A 190 6.28 -24.12 -0.98
N THR A 191 6.74 -23.64 0.17
CA THR A 191 7.04 -22.23 0.36
C THR A 191 8.44 -21.86 -0.13
N GLU A 192 9.24 -22.82 -0.54
CA GLU A 192 10.56 -22.51 -1.10
C GLU A 192 10.60 -22.71 -2.59
N GLU A 193 9.44 -23.02 -3.17
CA GLU A 193 9.31 -23.19 -4.61
C GLU A 193 9.01 -21.84 -5.19
N LEU A 194 9.79 -21.47 -6.21
CA LEU A 194 9.73 -20.11 -6.72
C LEU A 194 9.74 -19.14 -5.55
N ALA A 195 10.75 -19.29 -4.72
CA ALA A 195 10.92 -18.48 -3.54
C ALA A 195 11.11 -17.02 -3.88
N LEU A 196 10.98 -16.20 -2.85
CA LEU A 196 10.91 -14.75 -2.97
C LEU A 196 12.20 -14.02 -2.63
N THR A 197 13.10 -14.68 -1.91
CA THR A 197 14.36 -14.09 -1.49
C THR A 197 15.43 -15.16 -1.44
N SER A 198 16.70 -14.74 -1.47
CA SER A 198 17.83 -15.66 -1.37
C SER A 198 17.79 -16.36 -0.03
N SER A 199 18.29 -17.58 -0.01
CA SER A 199 18.29 -18.42 1.19
C SER A 199 19.54 -18.16 2.00
N PRO A 200 19.49 -18.47 3.30
CA PRO A 200 20.74 -18.48 4.06
C PRO A 200 21.60 -19.66 3.62
N ASN A 201 22.92 -19.49 3.64
CA ASN A 201 23.81 -20.57 3.28
C ASN A 201 23.37 -21.82 4.06
N PHE A 202 23.20 -22.93 3.37
CA PHE A 202 22.87 -24.21 4.03
C PHE A 202 24.12 -25.07 4.30
N SER A 203 23.94 -26.05 5.17
CA SER A 203 24.97 -27.01 5.51
C SER A 203 24.59 -28.35 4.91
N GLN A 204 25.58 -29.10 4.40
CA GLN A 204 25.33 -30.26 3.51
C GLN A 204 24.38 -31.33 4.15
N ASP A 205 24.20 -31.20 5.46
CA ASP A 205 23.37 -32.09 6.28
C ASP A 205 21.90 -31.86 5.99
N ASP A 206 21.54 -30.59 5.80
CA ASP A 206 20.15 -30.13 5.62
C ASP A 206 19.51 -30.49 4.28
N LEU A 207 20.28 -30.94 3.30
CA LEU A 207 19.77 -31.05 1.94
C LEU A 207 19.36 -32.46 1.63
N GLY A 208 18.31 -32.62 0.83
CA GLY A 208 17.87 -33.94 0.37
C GLY A 208 18.75 -34.61 -0.69
N GLU A 209 18.07 -35.18 -1.70
CA GLU A 209 18.73 -35.88 -2.81
C GLU A 209 18.80 -35.06 -4.08
N PRO A 210 20.02 -34.88 -4.62
CA PRO A 210 20.12 -34.10 -5.86
C PRO A 210 19.19 -34.65 -6.93
N VAL A 211 18.37 -33.78 -7.54
CA VAL A 211 17.47 -34.21 -8.59
C VAL A 211 18.27 -34.38 -9.87
N LEU A 212 19.45 -33.75 -9.85
CA LEU A 212 20.34 -33.73 -10.97
C LEU A 212 21.75 -33.55 -10.44
N GLN A 213 22.68 -34.26 -11.06
CA GLN A 213 24.07 -34.16 -10.69
C GLN A 213 24.87 -34.40 -11.96
N THR A 214 25.85 -33.56 -12.18
CA THR A 214 26.65 -33.71 -13.36
C THR A 214 27.98 -32.96 -13.26
N VAL A 215 28.84 -33.31 -14.20
CA VAL A 215 30.02 -32.54 -14.46
C VAL A 215 29.72 -31.80 -15.74
N LEU A 216 29.86 -30.48 -15.68
CA LEU A 216 29.71 -29.63 -16.86
C LEU A 216 31.05 -29.44 -17.55
N GLU A 217 31.04 -29.55 -18.87
CA GLU A 217 32.21 -29.30 -19.69
C GLU A 217 32.00 -28.07 -20.56
N PRO A 218 33.08 -27.35 -20.89
CA PRO A 218 32.97 -26.18 -21.73
C PRO A 218 32.00 -26.36 -22.84
N GLY A 219 31.01 -25.46 -22.89
CA GLY A 219 29.97 -25.44 -23.93
C GLY A 219 28.61 -25.90 -23.46
N ASP A 220 28.55 -26.49 -22.28
CA ASP A 220 27.29 -26.94 -21.70
C ASP A 220 26.54 -25.77 -21.08
N LEU A 221 25.26 -26.01 -20.86
CA LEU A 221 24.36 -25.04 -20.24
C LEU A 221 23.52 -25.70 -19.18
N LEU A 222 23.53 -25.14 -17.97
CA LEU A 222 22.68 -25.64 -16.91
C LEU A 222 21.76 -24.56 -16.39
N TYR A 223 20.46 -24.71 -16.64
CA TYR A 223 19.44 -23.79 -16.13
C TYR A 223 18.79 -24.37 -14.91
N PHE A 224 18.23 -23.52 -14.06
CA PHE A 224 17.38 -23.98 -12.93
C PHE A 224 16.69 -22.80 -12.26
N PRO A 225 15.42 -23.00 -11.87
CA PRO A 225 14.62 -21.88 -11.40
C PRO A 225 15.03 -21.37 -10.04
N ARG A 226 14.40 -20.27 -9.63
CA ARG A 226 14.61 -19.77 -8.31
C ARG A 226 13.99 -20.77 -7.36
N GLY A 227 14.60 -20.91 -6.19
CA GLY A 227 14.14 -21.87 -5.19
C GLY A 227 15.01 -23.11 -5.15
N PHE A 228 15.47 -23.53 -6.33
CA PHE A 228 16.27 -24.73 -6.48
C PHE A 228 17.62 -24.48 -5.87
N ILE A 229 17.99 -25.38 -4.97
CA ILE A 229 19.21 -25.34 -4.22
C ILE A 229 20.28 -25.91 -5.13
N HIS A 230 21.48 -25.37 -5.03
CA HIS A 230 22.58 -25.81 -5.88
C HIS A 230 23.88 -25.64 -5.15
N GLN A 231 24.90 -26.38 -5.61
CA GLN A 231 26.27 -26.11 -5.22
C GLN A 231 27.18 -26.80 -6.20
N ALA A 232 28.40 -26.31 -6.26
CA ALA A 232 29.35 -26.78 -7.25
C ALA A 232 30.76 -26.81 -6.70
N GLU A 233 31.58 -27.67 -7.28
CA GLU A 233 32.94 -27.86 -6.82
C GLU A 233 33.76 -28.32 -7.98
N CYS A 234 35.03 -27.93 -7.93
CA CYS A 234 36.03 -28.44 -8.84
C CYS A 234 36.71 -29.63 -8.21
N GLN A 235 37.11 -30.55 -9.08
CA GLN A 235 37.71 -31.79 -8.65
C GLN A 235 38.92 -31.95 -9.57
N ASP A 236 39.44 -33.18 -9.69
CA ASP A 236 40.58 -33.48 -10.60
C ASP A 236 41.74 -32.49 -10.37
N GLY A 237 42.32 -32.00 -11.45
CA GLY A 237 43.35 -30.97 -11.38
C GLY A 237 43.07 -29.79 -12.28
N VAL A 238 41.83 -29.66 -12.74
CA VAL A 238 41.45 -28.58 -13.64
C VAL A 238 40.45 -27.59 -12.99
N HIS A 239 40.61 -26.32 -13.37
CA HIS A 239 39.81 -25.18 -12.89
C HIS A 239 38.47 -25.11 -13.62
N SER A 240 37.58 -24.24 -13.12
CA SER A 240 36.32 -23.93 -13.82
C SER A 240 36.25 -22.45 -14.10
N LEU A 241 35.65 -22.13 -15.23
CA LEU A 241 35.27 -20.77 -15.57
C LEU A 241 33.90 -20.77 -16.23
N HIS A 242 32.91 -20.32 -15.47
CA HIS A 242 31.55 -20.19 -15.98
C HIS A 242 31.07 -18.76 -15.79
N LEU A 243 30.18 -18.38 -16.70
CA LEU A 243 29.40 -17.16 -16.64
C LEU A 243 28.01 -17.61 -16.25
N THR A 244 27.41 -16.98 -15.24
CA THR A 244 25.99 -17.18 -15.10
C THR A 244 25.19 -15.93 -15.46
N LEU A 245 24.27 -16.14 -16.38
CA LEU A 245 23.27 -15.19 -16.81
C LEU A 245 22.07 -15.28 -15.84
N SER A 246 21.69 -14.18 -15.21
CA SER A 246 20.54 -14.19 -14.28
C SER A 246 19.39 -13.28 -14.71
N THR A 247 18.15 -13.68 -14.45
CA THR A 247 17.03 -12.80 -14.69
C THR A 247 15.79 -13.04 -13.84
N TYR A 248 14.74 -12.30 -14.17
CA TYR A 248 13.45 -12.40 -13.51
C TYR A 248 13.54 -12.28 -12.02
N GLN A 249 14.18 -11.24 -11.54
CA GLN A 249 14.07 -10.90 -10.14
C GLN A 249 12.83 -10.09 -9.87
N ARG A 250 12.02 -10.56 -8.93
CA ARG A 250 10.87 -9.77 -8.47
C ARG A 250 9.89 -9.43 -9.57
N ASN A 251 9.62 -10.40 -10.44
CA ASN A 251 8.82 -10.13 -11.62
C ASN A 251 7.65 -11.10 -11.64
N THR A 252 6.90 -11.07 -10.53
CA THR A 252 5.82 -12.04 -10.29
C THR A 252 4.42 -11.42 -10.33
N TRP A 253 3.44 -12.27 -10.51
CA TRP A 253 2.05 -11.84 -10.50
C TRP A 253 1.67 -11.14 -9.20
N GLY A 254 2.35 -11.49 -8.13
CA GLY A 254 2.20 -10.83 -6.85
C GLY A 254 2.74 -9.41 -6.85
N ASP A 255 3.92 -9.23 -7.40
CA ASP A 255 4.54 -7.90 -7.49
C ASP A 255 3.70 -6.97 -8.32
N PHE A 256 3.10 -7.50 -9.38
CA PHE A 256 2.15 -6.72 -10.16
C PHE A 256 1.01 -6.31 -9.27
N LEU A 257 0.46 -7.27 -8.53
CA LEU A 257 -0.68 -6.97 -7.67
C LEU A 257 -0.31 -6.03 -6.53
N GLU A 258 0.89 -6.18 -6.01
CA GLU A 258 1.26 -5.37 -4.84
C GLU A 258 1.01 -3.91 -5.15
N ALA A 259 1.24 -3.56 -6.41
CA ALA A 259 1.11 -2.19 -6.93
C ALA A 259 -0.31 -1.81 -7.30
N ILE A 260 -0.98 -2.69 -8.02
CA ILE A 260 -2.34 -2.50 -8.43
C ILE A 260 -3.19 -2.03 -7.29
N LEU A 261 -3.10 -2.72 -6.16
CA LEU A 261 -4.19 -2.74 -5.18
C LEU A 261 -4.52 -1.43 -4.55
N PRO A 262 -3.51 -0.74 -4.00
CA PRO A 262 -3.86 0.50 -3.34
C PRO A 262 -4.45 1.50 -4.30
N LEU A 263 -4.02 1.47 -5.54
CA LEU A 263 -4.61 2.32 -6.53
C LEU A 263 -6.03 1.92 -6.82
N ALA A 264 -6.29 0.63 -6.79
CA ALA A 264 -7.61 0.09 -7.09
C ALA A 264 -8.59 0.40 -5.99
N VAL A 265 -8.12 0.32 -4.74
CA VAL A 265 -8.98 0.65 -3.60
C VAL A 265 -9.27 2.12 -3.62
N GLN A 266 -8.26 2.90 -4.00
CA GLN A 266 -8.41 4.33 -4.12
C GLN A 266 -9.50 4.67 -5.11
N ALA A 267 -9.41 4.11 -6.30
CA ALA A 267 -10.35 4.39 -7.36
C ALA A 267 -11.71 3.91 -6.95
N ALA A 268 -11.76 2.77 -6.29
CA ALA A 268 -13.03 2.18 -5.92
C ALA A 268 -13.82 3.09 -4.97
N MET A 269 -13.14 3.62 -3.95
CA MET A 269 -13.77 4.54 -3.01
C MET A 269 -14.20 5.78 -3.76
N GLU A 270 -13.33 6.40 -4.53
CA GLU A 270 -13.68 7.63 -5.25
C GLU A 270 -14.86 7.42 -6.15
N GLU A 271 -14.84 6.28 -6.85
CA GLU A 271 -15.73 6.01 -7.97
C GLU A 271 -16.97 5.16 -7.67
N ASN A 272 -17.12 4.63 -6.46
CA ASN A 272 -18.31 3.80 -6.13
C ASN A 272 -18.70 3.84 -4.66
N VAL A 273 -19.95 4.21 -4.44
CA VAL A 273 -20.49 4.47 -3.09
C VAL A 273 -20.44 3.29 -2.09
N GLU A 274 -20.58 2.06 -2.56
CA GLU A 274 -20.55 0.89 -1.64
C GLU A 274 -19.29 0.84 -0.78
N PHE A 275 -18.18 1.32 -1.33
CA PHE A 275 -16.91 1.38 -0.62
C PHE A 275 -16.82 2.56 0.34
N ARG A 276 -17.67 3.55 0.11
CA ARG A 276 -17.69 4.78 0.89
C ARG A 276 -18.63 4.70 2.10
N ARG A 277 -19.44 3.64 2.14
CA ARG A 277 -20.36 3.35 3.22
C ARG A 277 -19.68 3.01 4.50
N GLY A 278 -20.38 3.29 5.61
CA GLY A 278 -19.87 3.07 6.96
C GLY A 278 -19.72 1.60 7.24
N LEU A 279 -18.70 1.25 8.03
CA LEU A 279 -18.67 -0.05 8.64
C LEU A 279 -19.94 -0.09 9.47
N PRO A 280 -20.20 -1.21 10.16
CA PRO A 280 -21.35 -1.11 11.03
C PRO A 280 -20.92 -0.63 12.40
N ARG A 281 -21.91 -0.28 13.21
CA ARG A 281 -21.67 0.37 14.48
C ARG A 281 -21.03 -0.57 15.49
N ASP A 282 -21.24 -1.86 15.37
CA ASP A 282 -20.77 -2.72 16.44
C ASP A 282 -20.02 -3.95 15.96
N PHE A 283 -19.35 -3.86 14.81
CA PHE A 283 -18.77 -5.08 14.23
C PHE A 283 -17.74 -5.72 15.11
N MET A 284 -17.10 -4.93 15.95
CA MET A 284 -16.00 -5.43 16.78
C MET A 284 -16.50 -6.21 17.99
N ASP A 285 -17.82 -6.40 18.05
CA ASP A 285 -18.44 -7.34 18.98
C ASP A 285 -18.35 -8.77 18.42
N TYR A 286 -18.23 -8.91 17.11
CA TYR A 286 -18.14 -10.23 16.50
C TYR A 286 -16.88 -10.51 15.71
N MET A 287 -16.03 -9.50 15.53
CA MET A 287 -14.85 -9.58 14.67
C MET A 287 -13.66 -9.15 15.50
N GLY A 288 -12.85 -10.09 15.93
CA GLY A 288 -11.64 -9.76 16.67
C GLY A 288 -10.71 -10.96 16.64
N ALA A 289 -9.48 -10.79 17.09
CA ALA A 289 -8.55 -11.93 17.27
C ALA A 289 -9.08 -12.71 18.47
N GLN A 290 -9.33 -11.96 19.56
CA GLN A 290 -10.05 -12.46 20.74
C GLN A 290 -11.30 -13.25 20.35
N HIS A 291 -12.26 -12.61 19.69
CA HIS A 291 -13.42 -13.33 19.17
C HIS A 291 -12.95 -14.00 17.88
N SER A 292 -11.96 -14.91 17.96
CA SER A 292 -11.52 -15.63 16.73
C SER A 292 -12.58 -16.69 16.51
N ASP A 293 -12.83 -17.44 17.59
CA ASP A 293 -13.81 -18.54 17.64
C ASP A 293 -15.32 -18.15 17.58
N SER A 294 -15.66 -16.86 17.55
CA SER A 294 -17.06 -16.39 17.74
C SER A 294 -18.19 -17.20 17.05
N LYS A 295 -19.37 -17.11 17.65
CA LYS A 295 -20.56 -17.74 17.09
C LYS A 295 -21.42 -16.77 16.27
N ASP A 296 -21.21 -15.46 16.42
CA ASP A 296 -22.14 -14.49 15.80
C ASP A 296 -22.50 -14.92 14.36
N PRO A 297 -23.77 -14.76 13.96
CA PRO A 297 -24.18 -15.18 12.61
C PRO A 297 -23.90 -14.09 11.57
N ARG A 298 -24.16 -12.86 12.00
CA ARG A 298 -23.84 -11.63 11.31
C ARG A 298 -22.32 -11.54 11.02
N ARG A 299 -21.50 -12.34 11.73
CA ARG A 299 -20.06 -12.47 11.41
C ARG A 299 -19.81 -12.97 10.01
N THR A 300 -20.29 -14.17 9.73
CA THR A 300 -20.02 -14.79 8.42
C THR A 300 -20.69 -13.96 7.28
N ALA A 301 -21.41 -12.93 7.67
CA ALA A 301 -21.94 -11.98 6.70
C ALA A 301 -20.88 -10.93 6.39
N PHE A 302 -20.27 -10.37 7.44
CA PHE A 302 -19.13 -9.44 7.34
C PHE A 302 -18.07 -10.09 6.47
N MET A 303 -17.67 -11.30 6.83
CA MET A 303 -16.69 -12.06 6.08
C MET A 303 -17.04 -12.11 4.62
N GLU A 304 -18.26 -12.41 4.28
CA GLU A 304 -18.62 -12.37 2.87
C GLU A 304 -18.56 -11.01 2.24
N LYS A 305 -19.15 -10.01 2.88
CA LYS A 305 -19.05 -8.62 2.39
C LYS A 305 -17.59 -8.31 1.98
N VAL A 306 -16.65 -8.66 2.84
CA VAL A 306 -15.25 -8.50 2.53
C VAL A 306 -14.95 -9.19 1.21
N ARG A 307 -15.06 -10.51 1.17
CA ARG A 307 -14.71 -11.27 -0.07
C ARG A 307 -15.40 -10.76 -1.33
N VAL A 308 -16.63 -10.31 -1.20
CA VAL A 308 -17.38 -9.78 -2.35
C VAL A 308 -16.91 -8.35 -2.75
N LEU A 309 -16.44 -7.56 -1.80
CA LEU A 309 -15.87 -6.26 -2.14
C LEU A 309 -14.47 -6.38 -2.73
N VAL A 310 -13.63 -7.19 -2.11
CA VAL A 310 -12.33 -7.58 -2.71
C VAL A 310 -12.48 -8.12 -4.15
N ALA A 311 -13.52 -8.90 -4.40
CA ALA A 311 -13.82 -9.38 -5.75
C ALA A 311 -14.05 -8.22 -6.70
N ARG A 312 -15.03 -7.37 -6.36
CA ARG A 312 -15.29 -6.08 -7.04
C ARG A 312 -14.04 -5.22 -7.36
N LEU A 313 -13.05 -5.22 -6.47
CA LEU A 313 -11.87 -4.37 -6.65
C LEU A 313 -11.06 -4.67 -7.86
N GLY A 314 -11.11 -5.91 -8.30
CA GLY A 314 -10.40 -6.27 -9.50
C GLY A 314 -10.97 -5.40 -10.60
N HIS A 315 -12.29 -5.47 -10.72
CA HIS A 315 -13.00 -4.86 -11.85
C HIS A 315 -12.70 -3.26 -11.73
N PHE A 316 -11.88 -2.81 -10.75
CA PHE A 316 -11.36 -1.39 -10.60
C PHE A 316 -9.84 -1.10 -10.73
N ALA A 317 -9.08 -2.08 -11.21
CA ALA A 317 -7.61 -2.09 -11.10
C ALA A 317 -6.93 -1.48 -12.29
N PRO A 318 -6.00 -0.52 -12.11
CA PRO A 318 -5.37 0.18 -13.26
C PRO A 318 -4.24 -0.61 -13.93
N VAL A 319 -4.62 -1.60 -14.72
CA VAL A 319 -3.67 -2.60 -15.10
C VAL A 319 -2.68 -2.06 -16.11
N ASP A 320 -3.15 -1.30 -17.09
CA ASP A 320 -2.23 -0.52 -17.96
C ASP A 320 -1.26 0.39 -17.19
N ALA A 321 -1.79 1.19 -16.29
CA ALA A 321 -0.98 2.23 -15.71
C ALA A 321 0.18 1.65 -14.95
N VAL A 322 -0.02 0.45 -14.41
CA VAL A 322 1.01 -0.23 -13.68
C VAL A 322 1.93 -0.89 -14.65
N ALA A 323 1.38 -1.48 -15.70
CA ALA A 323 2.24 -2.12 -16.67
C ALA A 323 3.24 -1.09 -17.07
N ASP A 324 2.73 0.08 -17.45
CA ASP A 324 3.54 1.22 -17.88
C ASP A 324 4.64 1.58 -16.87
N GLN A 325 4.40 1.46 -15.59
CA GLN A 325 5.40 1.86 -14.61
C GLN A 325 6.52 0.89 -14.51
N ARG A 326 6.17 -0.37 -14.67
CA ARG A 326 7.12 -1.43 -14.68
C ARG A 326 7.95 -1.32 -15.94
N ALA A 327 7.31 -0.96 -17.04
CA ALA A 327 8.00 -0.72 -18.31
C ALA A 327 9.02 0.32 -18.11
N LYS A 328 8.65 1.36 -17.39
CA LYS A 328 9.49 2.51 -17.18
C LYS A 328 10.69 2.05 -16.37
N ASP A 329 10.51 1.14 -15.43
CA ASP A 329 11.64 0.62 -14.64
C ASP A 329 12.48 -0.33 -15.43
N PHE A 330 11.88 -1.12 -16.29
CA PHE A 330 12.67 -1.99 -17.15
C PHE A 330 13.61 -1.13 -17.95
N ILE A 331 13.04 -0.10 -18.57
CA ILE A 331 13.76 0.86 -19.40
C ILE A 331 14.95 1.39 -18.64
N HIS A 332 14.76 1.74 -17.39
CA HIS A 332 15.85 2.23 -16.57
C HIS A 332 16.91 1.19 -16.27
N ASP A 333 16.48 -0.05 -16.03
CA ASP A 333 17.35 -1.19 -15.76
C ASP A 333 18.08 -1.67 -16.99
N SER A 334 17.56 -1.33 -18.17
CA SER A 334 17.99 -1.97 -19.40
C SER A 334 19.41 -1.52 -19.74
N LEU A 335 20.20 -2.42 -20.33
CA LEU A 335 21.50 -2.08 -20.86
C LEU A 335 21.24 -1.30 -22.11
N PRO A 336 22.20 -0.50 -22.51
CA PRO A 336 21.97 0.26 -23.70
C PRO A 336 22.21 -0.62 -24.92
N PRO A 337 21.50 -0.33 -26.00
CA PRO A 337 21.41 -1.25 -27.10
C PRO A 337 22.70 -1.39 -27.84
N VAL A 338 22.85 -2.54 -28.50
CA VAL A 338 23.99 -2.83 -29.34
C VAL A 338 23.59 -2.73 -30.79
N LEU A 339 24.19 -1.80 -31.48
CA LEU A 339 23.79 -1.54 -32.82
C LEU A 339 24.41 -2.51 -33.85
N THR A 340 23.60 -2.91 -34.79
CA THR A 340 24.11 -3.56 -35.95
C THR A 340 24.84 -2.52 -36.75
N ASP A 341 25.56 -2.96 -37.77
CA ASP A 341 26.34 -2.03 -38.55
C ASP A 341 25.39 -1.26 -39.43
N ARG A 342 24.31 -1.90 -39.87
CA ARG A 342 23.26 -1.19 -40.59
C ARG A 342 22.56 -0.10 -39.74
N GLU A 343 22.15 -0.45 -38.53
CA GLU A 343 21.52 0.53 -37.63
C GLU A 343 22.45 1.71 -37.49
N ARG A 344 23.69 1.46 -37.10
CA ARG A 344 24.68 2.53 -36.94
C ARG A 344 24.81 3.46 -38.16
N ALA A 345 24.87 2.85 -39.35
CA ALA A 345 25.08 3.57 -40.61
C ALA A 345 23.93 4.42 -40.99
N LEU A 346 22.74 4.03 -40.55
CA LEU A 346 21.51 4.72 -40.90
C LEU A 346 21.07 5.74 -39.88
N SER A 347 21.79 5.86 -38.78
CA SER A 347 21.33 6.65 -37.64
C SER A 347 22.34 7.71 -37.31
N VAL A 348 22.08 8.47 -36.25
CA VAL A 348 22.96 9.57 -35.85
C VAL A 348 24.33 9.16 -35.36
N TYR A 349 24.66 7.88 -35.42
CA TYR A 349 26.03 7.50 -35.16
C TYR A 349 27.06 7.85 -36.33
N GLY A 350 26.63 7.87 -37.60
CA GLY A 350 27.48 8.47 -38.69
C GLY A 350 27.19 9.77 -39.51
N GLY A 351 25.93 10.18 -39.64
CA GLY A 351 25.51 11.32 -40.49
C GLY A 351 24.33 11.99 -39.79
N GLY A 352 24.11 13.24 -40.12
CA GLY A 352 23.29 14.21 -39.20
C GLY A 352 21.92 14.76 -39.75
N GLY A 353 21.16 15.40 -38.82
CA GLY A 353 19.80 15.78 -39.10
C GLY A 353 19.53 16.94 -40.06
N GLN A 354 19.58 16.68 -41.37
CA GLN A 354 18.90 17.51 -42.37
C GLN A 354 18.08 16.55 -43.27
N LEU A 355 16.91 16.19 -42.75
CA LEU A 355 16.04 15.24 -43.40
C LEU A 355 14.86 16.02 -43.88
N THR A 356 13.85 15.33 -44.38
CA THR A 356 12.74 16.01 -45.01
C THR A 356 11.50 15.18 -44.92
N THR A 357 10.41 15.70 -45.47
CA THR A 357 9.16 14.94 -45.53
C THR A 357 9.33 13.62 -46.34
N GLU A 358 10.39 13.58 -47.15
CA GLU A 358 10.67 12.45 -48.06
C GLU A 358 11.53 11.33 -47.47
N THR A 359 12.20 11.63 -46.36
CA THR A 359 13.00 10.66 -45.63
C THR A 359 12.08 9.59 -45.12
N GLU A 360 12.40 8.34 -45.40
CA GLU A 360 11.72 7.24 -44.72
C GLU A 360 12.48 6.86 -43.44
N VAL A 361 11.74 6.40 -42.44
CA VAL A 361 12.25 6.30 -41.10
C VAL A 361 11.49 5.25 -40.29
N HIS A 362 12.19 4.54 -39.40
CA HIS A 362 11.53 3.88 -38.27
C HIS A 362 12.37 3.96 -37.03
N MET A 363 11.82 3.48 -35.91
CA MET A 363 12.56 3.50 -34.66
C MET A 363 13.86 2.76 -34.84
N LEU A 364 14.86 3.04 -34.02
CA LEU A 364 16.17 2.42 -34.17
C LEU A 364 16.10 0.93 -33.87
N GLN A 365 15.54 0.61 -32.71
CA GLN A 365 15.27 -0.77 -32.32
C GLN A 365 13.92 -0.76 -31.64
N ASP A 366 13.41 -1.97 -31.41
CA ASP A 366 12.09 -2.14 -30.84
C ASP A 366 12.01 -2.01 -29.33
N GLY A 367 13.15 -2.18 -28.66
CA GLY A 367 13.16 -2.22 -27.20
C GLY A 367 13.86 -1.09 -26.45
N ILE A 368 13.98 0.08 -27.06
CA ILE A 368 14.74 1.17 -26.46
C ILE A 368 13.91 2.30 -25.87
N ALA A 369 12.59 2.21 -25.94
CA ALA A 369 11.72 3.32 -25.59
C ALA A 369 10.37 2.88 -25.07
N ARG A 370 9.86 3.56 -24.05
CA ARG A 370 8.44 3.46 -23.69
C ARG A 370 7.79 4.85 -23.62
N LEU A 371 6.57 4.95 -24.14
CA LEU A 371 5.76 6.19 -24.04
C LEU A 371 4.77 6.11 -22.85
N VAL A 372 4.92 6.99 -21.87
CA VAL A 372 4.26 6.80 -20.58
C VAL A 372 3.63 8.09 -20.10
N GLY A 373 2.32 8.07 -19.88
CA GLY A 373 1.58 9.26 -19.45
C GLY A 373 1.63 9.48 -17.94
N GLU A 374 2.18 10.62 -17.52
CA GLU A 374 2.40 10.94 -16.08
C GLU A 374 2.14 12.41 -15.72
N GLY A 375 1.11 12.66 -14.91
CA GLY A 375 0.70 14.02 -14.53
C GLY A 375 0.25 14.85 -15.72
N GLY A 376 -0.80 14.34 -16.39
CA GLY A 376 -1.41 14.95 -17.58
C GLY A 376 -0.41 15.22 -18.69
N HIS A 377 0.66 14.44 -18.70
CA HIS A 377 1.76 14.67 -19.61
C HIS A 377 2.16 13.39 -20.31
N LEU A 378 3.03 13.54 -21.30
CA LEU A 378 3.48 12.44 -22.15
C LEU A 378 5.00 12.48 -22.25
N PHE A 379 5.62 11.38 -21.89
CA PHE A 379 7.07 11.29 -21.85
C PHE A 379 7.52 10.05 -22.56
N LEU A 380 8.55 10.22 -23.39
CA LEU A 380 9.21 9.09 -24.00
C LEU A 380 10.45 8.70 -23.21
N TYR A 381 10.36 7.66 -22.39
CA TYR A 381 11.54 7.15 -21.68
C TYR A 381 12.36 6.21 -22.56
N TYR A 382 13.69 6.30 -22.48
CA TYR A 382 14.52 5.57 -23.42
C TYR A 382 15.84 5.05 -22.82
N THR A 383 16.37 3.99 -23.43
CA THR A 383 17.55 3.32 -22.90
C THR A 383 18.86 3.77 -23.52
N VAL A 384 18.82 4.37 -24.69
CA VAL A 384 20.03 4.69 -25.48
C VAL A 384 21.07 5.49 -24.73
N GLU A 385 20.73 6.13 -23.61
CA GLU A 385 21.75 6.80 -22.80
C GLU A 385 22.09 6.08 -21.50
N ASN A 386 21.46 4.97 -21.19
CA ASN A 386 21.90 4.22 -20.03
C ASN A 386 23.36 3.85 -20.08
N SER A 387 23.92 3.61 -18.91
CA SER A 387 25.24 3.06 -18.76
C SER A 387 25.22 1.55 -18.97
N ARG A 388 26.39 0.96 -19.10
CA ARG A 388 26.55 -0.49 -18.96
C ARG A 388 26.77 -0.90 -17.53
N VAL A 389 26.57 0.04 -16.60
CA VAL A 389 26.47 -0.21 -15.16
C VAL A 389 25.03 -0.02 -14.67
N TYR A 390 24.50 -1.00 -13.91
CA TYR A 390 23.12 -0.96 -13.41
C TYR A 390 22.91 0.40 -12.76
N HIS A 391 21.85 1.08 -13.19
CA HIS A 391 21.30 2.25 -12.50
C HIS A 391 22.25 3.44 -12.32
N LEU A 392 23.47 3.33 -12.85
CA LEU A 392 24.43 4.43 -12.75
C LEU A 392 23.88 5.77 -13.28
N GLU A 393 23.11 5.75 -14.40
CA GLU A 393 22.42 6.94 -14.95
C GLU A 393 20.98 7.03 -14.38
N GLU A 394 20.47 8.27 -14.23
CA GLU A 394 19.10 8.53 -13.73
C GLU A 394 18.14 8.32 -14.89
N PRO A 395 16.83 8.20 -14.62
CA PRO A 395 15.94 7.92 -15.75
C PRO A 395 15.96 9.04 -16.80
N LYS A 396 16.32 8.69 -18.03
CA LYS A 396 16.30 9.61 -19.16
C LYS A 396 15.00 9.51 -19.90
N CYS A 397 14.61 10.61 -20.55
CA CYS A 397 13.34 10.74 -21.26
C CYS A 397 13.24 12.07 -22.00
N LEU A 398 12.13 12.26 -22.70
CA LEU A 398 11.81 13.55 -23.33
C LEU A 398 10.32 13.73 -23.54
N GLU A 399 9.88 14.98 -23.51
CA GLU A 399 8.47 15.30 -23.48
C GLU A 399 7.92 15.26 -24.89
N ILE A 400 6.75 14.65 -25.03
CA ILE A 400 6.05 14.62 -26.30
C ILE A 400 4.80 15.46 -26.13
N TYR A 401 4.63 16.43 -27.02
CA TYR A 401 3.51 17.35 -26.95
C TYR A 401 2.34 16.76 -27.67
N PRO A 402 1.13 17.01 -27.16
CA PRO A 402 -0.04 16.27 -27.67
C PRO A 402 -0.24 16.32 -29.19
N GLN A 403 0.45 17.22 -29.89
CA GLN A 403 0.32 17.37 -31.36
C GLN A 403 1.19 16.39 -32.12
N GLN A 404 1.86 15.53 -31.35
CA GLN A 404 2.78 14.55 -31.88
C GLN A 404 2.45 13.14 -31.46
N ALA A 405 1.96 13.00 -30.24
CA ALA A 405 1.61 11.71 -29.69
C ALA A 405 1.04 10.67 -30.67
N ASP A 406 0.24 11.09 -31.65
CA ASP A 406 -0.35 10.09 -32.56
C ASP A 406 0.68 9.53 -33.54
N ALA A 407 1.65 10.37 -33.90
CA ALA A 407 2.82 9.95 -34.67
C ALA A 407 3.66 9.00 -33.85
N MET A 408 4.30 9.54 -32.83
CA MET A 408 5.08 8.78 -31.84
C MET A 408 4.50 7.39 -31.49
N GLU A 409 3.20 7.28 -31.21
CA GLU A 409 2.58 5.98 -30.98
C GLU A 409 2.70 5.14 -32.24
N LEU A 410 2.46 5.74 -33.38
CA LEU A 410 2.58 5.03 -34.65
C LEU A 410 3.96 4.42 -34.83
N LEU A 411 4.98 5.26 -34.67
CA LEU A 411 6.39 4.87 -34.83
C LEU A 411 6.82 3.65 -33.99
N LEU A 412 6.34 3.65 -32.74
CA LEU A 412 6.57 2.60 -31.80
C LEU A 412 5.82 1.36 -32.16
N GLY A 413 4.63 1.53 -32.69
CA GLY A 413 3.77 0.37 -32.97
C GLY A 413 4.18 -0.45 -34.16
N SER A 414 4.75 0.26 -35.13
CA SER A 414 5.01 -0.25 -36.47
C SER A 414 6.49 -0.41 -36.80
N TYR A 415 7.29 -0.72 -35.80
CA TYR A 415 8.64 -1.14 -36.07
C TYR A 415 8.46 -2.52 -36.66
N PRO A 416 9.27 -2.88 -37.69
CA PRO A 416 10.28 -2.08 -38.38
C PRO A 416 9.83 -1.64 -39.78
N GLU A 417 8.63 -1.08 -39.87
CA GLU A 417 8.10 -0.54 -41.13
C GLU A 417 8.49 0.91 -41.26
N PHE A 418 8.99 1.26 -42.44
CA PHE A 418 9.41 2.62 -42.71
C PHE A 418 8.22 3.52 -43.01
N VAL A 419 8.25 4.73 -42.50
CA VAL A 419 7.15 5.65 -42.62
C VAL A 419 7.77 6.91 -43.18
N ARG A 420 7.35 7.35 -44.36
CA ARG A 420 7.81 8.67 -44.81
C ARG A 420 7.52 9.68 -43.74
N VAL A 421 8.42 10.63 -43.52
CA VAL A 421 8.15 11.61 -42.48
C VAL A 421 6.83 12.33 -42.74
N GLY A 422 6.65 12.80 -43.97
CA GLY A 422 5.45 13.53 -44.35
C GLY A 422 4.12 12.77 -44.27
N ASP A 423 4.18 11.50 -43.87
CA ASP A 423 2.97 10.72 -43.61
C ASP A 423 2.73 10.48 -42.13
N LEU A 424 3.41 11.22 -41.28
CA LEU A 424 3.25 11.02 -39.87
C LEU A 424 1.94 11.70 -39.49
N PRO A 425 1.01 10.98 -38.82
CA PRO A 425 -0.17 11.70 -38.32
C PRO A 425 0.33 12.84 -37.42
N CYS A 426 0.18 14.06 -37.93
CA CYS A 426 0.63 15.28 -37.26
C CYS A 426 -0.13 16.37 -37.99
N ASP A 427 -0.52 17.39 -37.24
CA ASP A 427 -1.47 18.37 -37.74
C ASP A 427 -0.77 19.30 -38.71
N SER A 428 0.48 19.64 -38.42
CA SER A 428 1.26 20.52 -39.30
C SER A 428 2.52 19.84 -39.83
N VAL A 429 3.28 20.55 -40.66
CA VAL A 429 4.54 20.03 -41.22
C VAL A 429 5.74 20.46 -40.39
N GLU A 430 5.62 21.51 -39.58
CA GLU A 430 6.67 21.85 -38.60
C GLU A 430 6.72 20.74 -37.54
N ASP A 431 5.52 20.40 -37.03
CA ASP A 431 5.30 19.29 -36.09
C ASP A 431 5.84 17.97 -36.59
N GLN A 432 5.53 17.66 -37.86
CA GLN A 432 6.04 16.48 -38.56
C GLN A 432 7.54 16.37 -38.49
N LEU A 433 8.21 17.41 -38.92
CA LEU A 433 9.65 17.41 -38.98
C LEU A 433 10.28 17.42 -37.62
N SER A 434 9.64 18.04 -36.64
CA SER A 434 10.29 18.27 -35.36
C SER A 434 10.50 16.98 -34.56
N LEU A 435 9.43 16.19 -34.46
CA LEU A 435 9.49 14.86 -33.87
C LEU A 435 10.65 14.11 -34.52
N ALA A 436 10.55 13.89 -35.83
CA ALA A 436 11.56 13.12 -36.61
C ALA A 436 12.95 13.55 -36.29
N THR A 437 13.18 14.85 -36.32
CA THR A 437 14.48 15.41 -35.99
C THR A 437 14.88 15.24 -34.54
N THR A 438 14.01 15.58 -33.59
CA THR A 438 14.38 15.41 -32.16
C THR A 438 14.72 13.93 -31.88
N LEU A 439 13.87 13.05 -32.40
CA LEU A 439 14.06 11.60 -32.29
C LEU A 439 15.34 11.08 -32.94
N TYR A 440 15.81 11.75 -33.99
CA TYR A 440 16.95 11.22 -34.73
C TYR A 440 18.21 11.61 -34.07
N ASP A 441 18.28 12.89 -33.72
CA ASP A 441 19.48 13.44 -33.10
C ASP A 441 19.61 12.83 -31.74
N LYS A 442 18.50 12.57 -31.05
CA LYS A 442 18.58 11.87 -29.76
C LYS A 442 19.05 10.43 -29.89
N GLY A 443 19.16 9.93 -31.12
CA GLY A 443 19.60 8.55 -31.40
C GLY A 443 18.54 7.47 -31.18
N LEU A 444 17.29 7.77 -31.50
CA LEU A 444 16.17 6.86 -31.32
C LEU A 444 15.59 6.53 -32.66
N LEU A 445 16.13 7.16 -33.69
CA LEU A 445 15.62 7.00 -35.03
C LEU A 445 16.73 6.64 -35.96
N LEU A 446 16.34 5.95 -37.04
CA LEU A 446 17.20 5.71 -38.20
C LEU A 446 16.43 5.92 -39.47
N THR A 447 17.16 6.17 -40.55
CA THR A 447 16.58 6.35 -41.88
C THR A 447 16.82 5.12 -42.73
N LYS A 448 15.99 4.88 -43.70
CA LYS A 448 16.23 3.80 -44.67
C LYS A 448 17.46 3.99 -45.55
N MET A 449 17.97 5.21 -45.66
CA MET A 449 19.06 5.54 -46.56
C MET A 449 20.06 6.42 -45.83
N PRO A 450 21.36 6.17 -46.05
CA PRO A 450 22.27 6.93 -45.24
C PRO A 450 22.04 8.41 -45.47
N LEU A 451 21.84 9.18 -44.41
CA LEU A 451 21.43 10.57 -44.57
C LEU A 451 22.33 11.33 -45.51
N ALA A 452 23.60 10.96 -45.64
CA ALA A 452 24.44 11.72 -46.57
C ALA A 452 25.40 10.85 -47.35
N PRO B 4 -42.54 15.56 42.01
CA PRO B 4 -42.01 15.31 40.52
C PRO B 4 -40.45 15.39 40.45
N ALA B 5 -39.82 14.19 40.54
CA ALA B 5 -38.37 14.06 40.71
C ALA B 5 -37.52 15.11 39.92
N TRP B 6 -37.80 15.29 38.61
CA TRP B 6 -36.91 16.08 37.69
C TRP B 6 -37.59 17.13 36.79
N ASP B 7 -36.77 17.85 36.02
CA ASP B 7 -37.12 19.15 35.41
C ASP B 7 -36.78 19.33 33.92
N SER B 8 -35.59 18.88 33.50
CA SER B 8 -35.24 18.81 32.08
C SER B 8 -35.01 17.34 31.84
N PRO B 9 -35.63 16.78 30.77
CA PRO B 9 -35.53 15.34 30.45
C PRO B 9 -34.08 14.85 30.33
N LEU B 10 -33.18 15.76 29.93
CA LEU B 10 -31.74 15.54 30.00
C LEU B 10 -31.32 15.17 31.41
N ARG B 11 -31.69 16.00 32.40
CA ARG B 11 -31.26 15.74 33.78
C ARG B 11 -31.95 14.46 34.24
N ARG B 12 -33.20 14.32 33.81
CA ARG B 12 -33.98 13.11 34.09
C ARG B 12 -33.25 11.86 33.62
N VAL B 13 -33.00 11.83 32.31
CA VAL B 13 -32.41 10.65 31.66
C VAL B 13 -30.97 10.39 32.15
N LEU B 14 -30.24 11.45 32.49
CA LEU B 14 -28.85 11.32 32.95
C LEU B 14 -28.81 10.62 34.28
N ALA B 15 -29.70 11.05 35.18
CA ALA B 15 -29.85 10.41 36.48
C ALA B 15 -30.22 8.93 36.33
N GLU B 16 -31.11 8.68 35.35
CA GLU B 16 -31.55 7.33 34.97
C GLU B 16 -30.44 6.36 34.58
N LEU B 17 -29.51 6.87 33.76
CA LEU B 17 -28.30 6.11 33.36
C LEU B 17 -27.45 5.67 34.54
N ASN B 18 -27.29 6.55 35.52
CA ASN B 18 -26.59 6.20 36.76
C ASN B 18 -27.24 5.01 37.49
N ARG B 19 -28.54 4.82 37.27
CA ARG B 19 -29.28 3.66 37.82
C ARG B 19 -29.38 2.42 36.90
N ILE B 20 -28.88 2.50 35.66
CA ILE B 20 -28.80 1.31 34.77
C ILE B 20 -27.38 0.71 34.80
N PRO B 21 -27.24 -0.60 35.13
CA PRO B 21 -25.92 -1.14 35.46
C PRO B 21 -25.01 -1.45 34.26
N SER B 22 -25.59 -1.69 33.08
CA SER B 22 -24.81 -2.07 31.86
C SER B 22 -24.44 -0.87 30.95
N SER B 23 -23.15 -0.49 30.96
CA SER B 23 -22.62 0.59 30.12
C SER B 23 -23.17 0.52 28.72
N ARG B 24 -23.23 -0.70 28.19
CA ARG B 24 -23.88 -0.98 26.90
C ARG B 24 -25.33 -0.48 26.89
N ARG B 25 -26.12 -0.88 27.90
CA ARG B 25 -27.56 -0.58 27.94
C ARG B 25 -27.74 0.92 28.07
N ARG B 26 -26.92 1.52 28.93
CA ARG B 26 -26.90 2.98 29.07
C ARG B 26 -26.73 3.62 27.68
N ALA B 27 -25.79 3.06 26.92
CA ALA B 27 -25.44 3.58 25.60
C ALA B 27 -26.62 3.54 24.64
N ALA B 28 -27.39 2.45 24.66
CA ALA B 28 -28.56 2.34 23.80
C ALA B 28 -29.50 3.45 24.19
N ARG B 29 -29.79 3.48 25.49
CA ARG B 29 -30.79 4.34 26.09
C ARG B 29 -30.58 5.76 25.60
N LEU B 30 -29.40 6.29 25.91
CA LEU B 30 -29.12 7.68 25.69
C LEU B 30 -29.48 8.07 24.25
N PHE B 31 -29.15 7.18 23.31
CA PHE B 31 -29.39 7.44 21.90
C PHE B 31 -30.88 7.40 21.57
N GLU B 32 -31.56 6.42 22.16
CA GLU B 32 -33.03 6.32 22.11
C GLU B 32 -33.69 7.63 22.57
N TRP B 33 -33.13 8.20 23.65
CA TRP B 33 -33.51 9.53 24.13
C TRP B 33 -33.19 10.57 23.07
N LEU B 34 -31.92 10.61 22.66
CA LEU B 34 -31.44 11.63 21.74
C LEU B 34 -32.36 11.84 20.53
N ILE B 35 -32.88 10.76 19.97
CA ILE B 35 -33.73 10.86 18.76
C ILE B 35 -35.23 10.64 18.99
N ALA B 36 -35.61 10.39 20.26
CA ALA B 36 -37.03 10.28 20.68
C ALA B 36 -37.93 11.35 20.06
N PRO B 37 -39.15 10.99 19.66
CA PRO B 37 -39.83 9.72 19.92
C PRO B 37 -39.30 8.57 19.10
N MET B 38 -38.77 8.88 17.90
CA MET B 38 -38.37 7.88 16.91
C MET B 38 -37.61 6.66 17.47
N PRO B 39 -37.89 5.46 16.91
CA PRO B 39 -37.11 4.28 17.34
C PRO B 39 -35.72 4.33 16.74
N PRO B 40 -34.67 3.98 17.52
CA PRO B 40 -33.30 3.81 17.02
C PRO B 40 -33.18 2.83 15.85
N ASP B 41 -33.67 1.62 16.08
CA ASP B 41 -33.84 0.58 15.08
C ASP B 41 -34.36 1.10 13.69
N HIS B 42 -35.45 1.86 13.66
CA HIS B 42 -35.98 2.37 12.38
C HIS B 42 -35.03 3.40 11.80
N PHE B 43 -34.35 4.15 12.67
CA PHE B 43 -33.43 5.23 12.23
C PHE B 43 -32.23 4.70 11.44
N TYR B 44 -31.43 3.87 12.11
CA TYR B 44 -30.30 3.25 11.49
C TYR B 44 -30.69 2.51 10.20
N ARG B 45 -31.73 1.69 10.24
CA ARG B 45 -32.13 0.89 9.05
C ARG B 45 -32.51 1.72 7.81
N ARG B 46 -33.06 2.90 7.97
CA ARG B 46 -33.63 3.59 6.80
C ARG B 46 -33.11 4.99 6.58
N LEU B 47 -32.55 5.60 7.62
CA LEU B 47 -32.29 7.04 7.65
C LEU B 47 -30.82 7.38 7.79
N TRP B 48 -30.15 6.65 8.67
CA TRP B 48 -28.73 6.77 8.89
C TRP B 48 -27.98 6.53 7.64
N GLU B 49 -27.16 7.51 7.29
CA GLU B 49 -26.40 7.51 6.03
C GLU B 49 -27.30 7.58 4.80
N ARG B 50 -28.59 7.48 5.00
CA ARG B 50 -29.50 7.49 3.89
C ARG B 50 -30.06 8.88 3.66
N GLU B 51 -30.72 9.46 4.66
CA GLU B 51 -31.36 10.74 4.47
C GLU B 51 -31.17 11.58 5.72
N ALA B 52 -31.34 12.89 5.57
CA ALA B 52 -31.44 13.82 6.70
C ALA B 52 -32.76 13.69 7.49
N VAL B 53 -32.80 14.30 8.66
CA VAL B 53 -33.86 14.00 9.63
C VAL B 53 -34.05 15.20 10.55
N LEU B 54 -35.26 15.75 10.60
CA LEU B 54 -35.60 16.75 11.62
C LEU B 54 -36.41 16.07 12.72
N VAL B 55 -36.12 16.36 13.98
CA VAL B 55 -36.97 15.91 15.09
C VAL B 55 -37.52 17.14 15.81
N ARG B 56 -38.73 17.56 15.46
CA ARG B 56 -39.47 18.62 16.17
C ARG B 56 -39.83 18.11 17.57
N ARG B 57 -39.15 18.61 18.59
CA ARG B 57 -39.26 18.00 19.92
C ARG B 57 -40.48 18.53 20.62
N GLN B 58 -40.76 19.81 20.37
CA GLN B 58 -41.81 20.58 21.05
C GLN B 58 -41.42 20.98 22.47
N ASP B 59 -40.20 20.69 22.89
CA ASP B 59 -39.84 20.84 24.29
C ASP B 59 -38.56 21.66 24.46
N HIS B 60 -38.73 22.96 24.62
CA HIS B 60 -37.59 23.87 24.62
C HIS B 60 -36.62 23.56 25.74
N THR B 61 -37.07 22.78 26.74
CA THR B 61 -36.23 22.39 27.88
C THR B 61 -35.62 21.00 27.77
N TYR B 62 -35.67 20.41 26.58
CA TYR B 62 -35.23 19.01 26.41
C TYR B 62 -33.79 18.81 26.80
N TYR B 63 -32.94 19.77 26.41
CA TYR B 63 -31.50 19.65 26.57
C TYR B 63 -30.96 20.52 27.70
N GLN B 64 -31.83 21.04 28.57
CA GLN B 64 -31.40 21.96 29.64
C GLN B 64 -30.41 21.24 30.57
N GLY B 65 -29.18 21.76 30.64
CA GLY B 65 -28.14 21.21 31.53
C GLY B 65 -26.89 20.79 30.82
N LEU B 66 -26.97 20.68 29.48
CA LEU B 66 -25.88 20.17 28.63
C LEU B 66 -24.87 21.26 28.36
N PHE B 67 -25.38 22.37 27.86
CA PHE B 67 -24.52 23.49 27.56
C PHE B 67 -25.29 24.80 27.26
N SER B 68 -24.86 25.87 27.92
CA SER B 68 -25.50 27.18 27.83
C SER B 68 -24.51 28.28 27.47
N THR B 69 -25.01 29.41 26.97
CA THR B 69 -24.13 30.56 26.67
C THR B 69 -23.25 30.88 27.87
N ALA B 70 -23.88 30.82 29.05
CA ALA B 70 -23.22 30.99 30.34
C ALA B 70 -22.01 30.08 30.51
N ASP B 71 -22.22 28.78 30.32
CA ASP B 71 -21.13 27.79 30.49
C ASP B 71 -19.91 28.16 29.64
N LEU B 72 -20.16 28.78 28.47
CA LEU B 72 -19.11 29.31 27.59
C LEU B 72 -18.42 30.48 28.27
N ASP B 73 -19.25 31.41 28.76
CA ASP B 73 -18.75 32.62 29.41
C ASP B 73 -17.85 32.30 30.59
N SER B 74 -18.25 31.31 31.40
CA SER B 74 -17.39 30.82 32.48
C SER B 74 -16.06 30.37 31.92
N MET B 75 -16.13 29.46 30.96
CA MET B 75 -14.97 28.81 30.36
C MET B 75 -13.95 29.86 29.91
N LEU B 76 -14.42 30.81 29.13
CA LEU B 76 -13.58 31.89 28.62
C LEU B 76 -12.88 32.68 29.72
N ARG B 77 -13.57 32.81 30.86
CA ARG B 77 -13.01 33.43 32.05
C ARG B 77 -12.07 32.44 32.76
N ASN B 78 -12.52 31.22 33.03
CA ASN B 78 -11.85 30.34 34.02
C ASN B 78 -10.89 29.26 33.51
N GLU B 79 -10.65 29.25 32.21
CA GLU B 79 -9.80 28.24 31.58
C GLU B 79 -8.99 28.89 30.46
N GLU B 80 -7.84 28.30 30.13
CA GLU B 80 -7.01 28.85 29.06
C GLU B 80 -7.52 28.45 27.67
N VAL B 81 -8.57 29.15 27.26
CA VAL B 81 -9.13 29.01 25.93
C VAL B 81 -8.35 29.90 24.97
N GLN B 82 -7.81 29.26 23.95
CA GLN B 82 -6.90 29.87 23.00
C GLN B 82 -7.57 29.99 21.65
N PHE B 83 -7.49 31.18 21.06
CA PHE B 83 -7.90 31.30 19.68
C PHE B 83 -7.14 30.28 18.84
N GLY B 84 -7.90 29.61 17.98
CA GLY B 84 -7.39 28.60 17.09
C GLY B 84 -7.58 27.26 17.73
N GLN B 85 -6.78 27.00 18.76
CA GLN B 85 -6.67 25.68 19.35
C GLN B 85 -8.00 25.26 19.95
N HIS B 86 -8.68 26.20 20.61
CA HIS B 86 -9.98 25.91 21.26
C HIS B 86 -11.17 26.78 20.79
N LEU B 87 -10.95 27.86 20.08
CA LEU B 87 -12.04 28.78 19.77
C LEU B 87 -11.77 29.62 18.54
N ASP B 88 -12.69 29.62 17.59
CA ASP B 88 -12.50 30.37 16.34
C ASP B 88 -13.61 31.40 16.20
N ALA B 89 -13.28 32.55 15.61
CA ALA B 89 -14.25 33.62 15.38
C ALA B 89 -14.45 33.76 13.89
N ALA B 90 -15.65 33.44 13.47
CA ALA B 90 -15.96 33.25 12.08
C ALA B 90 -17.02 34.24 11.60
N ARG B 91 -16.89 34.66 10.34
CA ARG B 91 -17.88 35.50 9.67
C ARG B 91 -18.14 35.03 8.22
N TYR B 92 -19.40 34.94 7.81
CA TYR B 92 -19.75 34.78 6.40
C TYR B 92 -20.59 36.00 5.96
N ILE B 93 -19.99 36.90 5.17
CA ILE B 93 -20.63 38.12 4.63
C ILE B 93 -20.10 38.38 3.23
N ASN B 94 -20.95 38.94 2.37
CA ASN B 94 -20.60 39.23 0.97
C ASN B 94 -20.06 37.96 0.28
N GLY B 95 -20.54 36.80 0.74
CA GLY B 95 -20.25 35.52 0.10
C GLY B 95 -18.91 34.86 0.39
N ARG B 96 -18.11 35.43 1.29
CA ARG B 96 -16.83 34.83 1.72
C ARG B 96 -16.90 34.56 3.21
N ARG B 97 -15.95 33.77 3.68
CA ARG B 97 -15.73 33.60 5.10
C ARG B 97 -14.49 34.39 5.42
N GLU B 98 -14.50 35.06 6.55
CA GLU B 98 -13.30 35.67 7.09
C GLU B 98 -13.12 35.11 8.50
N THR B 99 -11.93 34.60 8.81
CA THR B 99 -11.64 34.18 10.18
C THR B 99 -10.83 35.28 10.81
N LEU B 100 -11.05 35.51 12.11
CA LEU B 100 -10.45 36.64 12.87
C LEU B 100 -9.90 36.19 14.21
N ASN B 101 -8.83 35.42 14.20
CA ASN B 101 -8.30 34.90 15.46
C ASN B 101 -7.12 35.70 15.96
N PRO B 102 -7.36 36.65 16.87
CA PRO B 102 -6.24 37.42 17.40
C PRO B 102 -5.33 36.47 18.15
N PRO B 103 -4.01 36.61 17.99
CA PRO B 103 -3.27 35.44 18.45
C PRO B 103 -3.37 35.23 19.94
N GLY B 104 -3.12 34.01 20.37
CA GLY B 104 -3.01 33.72 21.78
C GLY B 104 -4.33 33.47 22.48
N ARG B 105 -4.58 34.26 23.52
CA ARG B 105 -5.54 33.90 24.57
C ARG B 105 -6.90 34.51 24.30
N ALA B 106 -7.95 33.72 24.47
CA ALA B 106 -9.34 34.12 24.16
C ALA B 106 -10.10 34.55 25.40
N LEU B 107 -10.05 35.85 25.65
CA LEU B 107 -10.65 36.45 26.83
C LEU B 107 -12.04 36.92 26.51
N PRO B 108 -12.96 36.80 27.50
CA PRO B 108 -14.38 37.16 27.33
C PRO B 108 -14.53 38.49 26.65
N ALA B 109 -13.76 39.46 27.13
CA ALA B 109 -13.72 40.77 26.51
C ALA B 109 -13.67 40.69 24.96
N ALA B 110 -12.62 40.04 24.45
CA ALA B 110 -12.32 39.99 23.03
C ALA B 110 -13.41 39.20 22.33
N ALA B 111 -13.62 37.98 22.83
CA ALA B 111 -14.63 37.06 22.30
C ALA B 111 -15.89 37.86 22.03
N TRP B 112 -16.48 38.41 23.09
CA TRP B 112 -17.77 39.09 22.97
C TRP B 112 -17.70 40.28 22.05
N SER B 113 -16.56 40.99 22.01
CA SER B 113 -16.44 42.14 21.13
C SER B 113 -16.50 41.69 19.67
N LEU B 114 -16.03 40.47 19.41
CA LEU B 114 -16.09 39.86 18.07
C LEU B 114 -17.53 39.45 17.75
N TYR B 115 -18.14 38.72 18.68
CA TYR B 115 -19.57 38.41 18.65
C TYR B 115 -20.43 39.62 18.32
N GLN B 116 -20.15 40.72 19.01
CA GLN B 116 -20.74 42.03 18.75
C GLN B 116 -20.59 42.52 17.30
N ALA B 117 -19.46 42.16 16.68
CA ALA B 117 -19.16 42.61 15.32
C ALA B 117 -19.71 41.62 14.30
N GLY B 118 -20.63 40.78 14.74
CA GLY B 118 -21.29 39.84 13.84
C GLY B 118 -20.62 38.48 13.68
N CYS B 119 -19.51 38.27 14.40
CA CYS B 119 -18.77 37.00 14.29
C CYS B 119 -19.49 35.88 15.00
N SER B 120 -19.41 34.68 14.45
CA SER B 120 -19.89 33.50 15.15
C SER B 120 -18.75 32.85 15.94
N LEU B 121 -19.09 32.33 17.10
CA LEU B 121 -18.12 31.76 18.01
C LEU B 121 -18.27 30.23 17.95
N ARG B 122 -17.16 29.52 17.78
CA ARG B 122 -17.22 28.10 17.68
C ARG B 122 -16.23 27.53 18.64
N LEU B 123 -16.70 26.68 19.53
CA LEU B 123 -15.84 26.13 20.54
C LEU B 123 -15.47 24.68 20.21
N LEU B 124 -14.33 24.52 19.54
CA LEU B 124 -13.70 23.21 19.41
C LEU B 124 -13.53 22.70 20.84
N CYS B 125 -13.91 21.46 21.06
CA CYS B 125 -13.72 20.77 22.35
C CYS B 125 -14.19 21.39 23.69
N PRO B 126 -15.49 21.32 23.96
CA PRO B 126 -16.11 21.62 25.23
C PRO B 126 -16.37 20.36 26.02
N GLN B 127 -15.93 19.22 25.54
CA GLN B 127 -16.02 18.02 26.34
C GLN B 127 -14.97 18.13 27.40
N ALA B 128 -13.87 18.81 27.09
CA ALA B 128 -12.76 18.96 28.04
C ALA B 128 -13.16 19.76 29.27
N PHE B 129 -13.93 20.82 29.05
CA PHE B 129 -14.21 21.79 30.07
C PHE B 129 -15.55 21.48 30.73
N SER B 130 -16.58 21.20 29.95
CA SER B 130 -17.87 20.78 30.51
C SER B 130 -17.87 19.28 30.78
N THR B 131 -18.31 18.89 31.96
CA THR B 131 -18.32 17.47 32.34
C THR B 131 -19.64 16.82 31.94
N THR B 132 -20.64 17.62 31.59
CA THR B 132 -21.93 17.10 31.14
C THR B 132 -21.82 16.61 29.68
N VAL B 133 -21.24 17.46 28.83
CA VAL B 133 -20.93 17.13 27.45
C VAL B 133 -20.04 15.90 27.38
N TRP B 134 -18.95 15.92 28.15
CA TRP B 134 -18.07 14.75 28.27
C TRP B 134 -18.90 13.49 28.40
N GLN B 135 -19.70 13.42 29.43
CA GLN B 135 -20.51 12.23 29.66
C GLN B 135 -21.33 11.85 28.41
N PHE B 136 -22.14 12.80 27.97
CA PHE B 136 -22.94 12.64 26.78
C PHE B 136 -22.20 11.93 25.66
N LEU B 137 -21.07 12.51 25.24
CA LEU B 137 -20.27 11.90 24.21
C LEU B 137 -19.82 10.50 24.60
N ALA B 138 -19.13 10.41 25.73
CA ALA B 138 -18.51 9.15 26.19
C ALA B 138 -19.49 7.98 26.34
N VAL B 139 -20.76 8.29 26.55
CA VAL B 139 -21.81 7.28 26.57
C VAL B 139 -22.23 6.92 25.13
N LEU B 140 -22.50 7.94 24.32
CA LEU B 140 -22.91 7.74 22.92
C LEU B 140 -21.86 7.01 22.05
N GLN B 141 -20.59 7.30 22.26
CA GLN B 141 -19.52 6.72 21.47
C GLN B 141 -19.49 5.20 21.58
N GLU B 142 -19.91 4.69 22.73
CA GLU B 142 -20.00 3.25 22.96
C GLU B 142 -21.05 2.54 22.06
N GLN B 143 -22.09 3.24 21.60
CA GLN B 143 -23.06 2.63 20.69
C GLN B 143 -22.81 3.02 19.24
N PHE B 144 -21.79 3.84 19.01
CA PHE B 144 -21.44 4.28 17.65
C PHE B 144 -20.36 3.39 17.08
N GLY B 145 -19.58 2.75 17.94
CA GLY B 145 -18.34 2.06 17.54
C GLY B 145 -17.38 2.93 16.73
N SER B 146 -17.37 4.21 17.09
CA SER B 146 -16.60 5.22 16.38
C SER B 146 -16.59 6.42 17.29
N MET B 147 -15.43 7.05 17.43
CA MET B 147 -15.29 8.31 18.15
C MET B 147 -16.49 9.24 17.96
N ALA B 148 -16.92 9.81 19.09
CA ALA B 148 -17.99 10.81 19.12
C ALA B 148 -17.38 12.12 19.56
N GLY B 149 -17.40 13.09 18.65
CA GLY B 149 -16.79 14.38 18.91
C GLY B 149 -17.86 15.43 18.83
N SER B 150 -17.56 16.62 19.31
CA SER B 150 -18.56 17.68 19.34
C SER B 150 -17.94 19.05 19.47
N ASN B 151 -18.62 20.01 18.87
CA ASN B 151 -18.21 21.38 18.86
C ASN B 151 -19.47 22.16 19.23
N VAL B 152 -19.30 23.32 19.84
CA VAL B 152 -20.44 24.22 20.14
C VAL B 152 -20.34 25.50 19.35
N TYR B 153 -21.47 25.88 18.75
CA TYR B 153 -21.50 27.01 17.86
C TYR B 153 -22.43 28.05 18.47
N LEU B 154 -21.98 29.31 18.46
CA LEU B 154 -22.77 30.47 18.86
C LEU B 154 -22.77 31.57 17.78
N THR B 155 -23.95 31.90 17.29
CA THR B 155 -24.11 32.88 16.23
C THR B 155 -24.93 34.08 16.75
N PRO B 156 -24.47 35.30 16.46
CA PRO B 156 -25.21 36.46 16.87
C PRO B 156 -26.32 36.70 15.88
N PRO B 157 -27.37 37.44 16.30
CA PRO B 157 -28.52 37.93 15.48
C PRO B 157 -28.18 38.46 14.09
N ASN B 158 -29.02 38.14 13.12
CA ASN B 158 -28.88 38.64 11.75
C ASN B 158 -27.52 38.44 11.09
N SER B 159 -26.92 37.28 11.34
CA SER B 159 -25.57 36.97 10.84
C SER B 159 -25.43 35.48 10.56
N GLN B 160 -24.60 35.18 9.56
CA GLN B 160 -24.26 33.80 9.25
C GLN B 160 -22.78 33.59 9.57
N GLY B 161 -22.47 32.55 10.35
CA GLY B 161 -21.08 32.23 10.72
C GLY B 161 -20.19 31.60 9.64
N PHE B 162 -20.72 30.62 8.92
CA PHE B 162 -19.95 29.79 7.98
C PHE B 162 -20.62 29.70 6.60
N ALA B 163 -19.84 29.38 5.58
CA ALA B 163 -20.36 29.18 4.22
C ALA B 163 -21.10 27.84 4.09
N PRO B 164 -21.79 27.61 2.96
CA PRO B 164 -22.34 26.27 2.70
C PRO B 164 -21.25 25.28 2.35
N HIS B 165 -21.37 24.05 2.84
CA HIS B 165 -20.32 23.05 2.69
C HIS B 165 -20.89 21.70 3.06
N TYR B 166 -20.19 20.61 2.74
CA TYR B 166 -20.50 19.30 3.36
C TYR B 166 -19.30 18.77 4.08
N ASP B 167 -19.50 18.17 5.25
CA ASP B 167 -18.40 17.71 6.10
C ASP B 167 -18.05 16.30 5.63
N ASP B 168 -17.12 15.66 6.33
CA ASP B 168 -16.79 14.26 6.08
C ASP B 168 -17.22 13.40 7.26
N ILE B 169 -18.24 13.88 7.98
CA ILE B 169 -18.83 13.17 9.11
C ILE B 169 -20.38 13.17 9.18
N GLU B 170 -20.87 12.22 9.94
CA GLU B 170 -22.26 12.16 10.30
C GLU B 170 -22.46 13.21 11.40
N ALA B 171 -23.43 14.10 11.20
CA ALA B 171 -23.70 15.25 12.08
C ALA B 171 -25.08 15.15 12.74
N PHE B 172 -25.12 15.45 14.03
CA PHE B 172 -26.35 15.54 14.78
C PHE B 172 -26.40 16.90 15.43
N VAL B 173 -27.12 17.84 14.83
CA VAL B 173 -27.24 19.18 15.39
C VAL B 173 -28.29 19.23 16.51
N LEU B 174 -27.88 19.65 17.71
CA LEU B 174 -28.81 19.84 18.83
C LEU B 174 -28.95 21.33 19.05
N GLN B 175 -30.15 21.87 18.84
CA GLN B 175 -30.42 23.28 19.11
C GLN B 175 -30.55 23.43 20.61
N LEU B 176 -29.90 24.44 21.19
CA LEU B 176 -29.82 24.62 22.66
C LEU B 176 -30.49 25.88 23.23
N GLU B 177 -30.33 26.98 22.52
CA GLU B 177 -30.94 28.25 22.85
C GLU B 177 -31.16 28.89 21.50
N GLY B 178 -32.04 29.87 21.45
CA GLY B 178 -32.21 30.65 20.25
C GLY B 178 -32.92 29.92 19.12
N ARG B 179 -32.77 30.46 17.92
CA ARG B 179 -33.45 29.94 16.73
C ARG B 179 -32.54 30.15 15.53
N LYS B 180 -32.39 29.14 14.67
CA LYS B 180 -31.54 29.28 13.48
C LYS B 180 -32.19 28.68 12.25
N LEU B 181 -32.14 29.40 11.14
CA LEU B 181 -32.72 28.93 9.89
C LEU B 181 -31.74 28.06 9.12
N TRP B 182 -32.00 26.75 9.06
CA TRP B 182 -31.19 25.81 8.26
C TRP B 182 -31.68 25.50 6.86
N ARG B 183 -30.75 25.26 5.98
CA ARG B 183 -31.06 24.72 4.66
C ARG B 183 -30.13 23.52 4.45
N VAL B 184 -30.70 22.33 4.31
CA VAL B 184 -29.94 21.12 4.02
C VAL B 184 -30.20 20.66 2.60
N TYR B 185 -29.18 20.07 1.97
CA TYR B 185 -29.30 19.60 0.60
C TYR B 185 -28.85 18.16 0.47
N ARG B 186 -29.51 17.46 -0.44
CA ARG B 186 -29.11 16.11 -0.81
C ARG B 186 -27.84 16.19 -1.62
N PRO B 187 -27.04 15.11 -1.54
CA PRO B 187 -25.77 15.06 -2.26
C PRO B 187 -25.98 15.46 -3.70
N ARG B 188 -25.22 16.44 -4.17
CA ARG B 188 -25.43 16.98 -5.54
C ARG B 188 -25.07 16.08 -6.71
N VAL B 189 -24.30 15.03 -6.47
CA VAL B 189 -23.88 14.10 -7.54
C VAL B 189 -23.42 12.78 -6.90
N PRO B 190 -23.40 11.70 -7.70
CA PRO B 190 -23.05 10.40 -7.18
C PRO B 190 -21.82 10.42 -6.31
N THR B 191 -20.75 11.01 -6.83
CA THR B 191 -19.45 11.00 -6.15
C THR B 191 -19.45 11.70 -4.80
N GLU B 192 -20.43 12.56 -4.55
CA GLU B 192 -20.57 13.24 -3.26
C GLU B 192 -21.35 12.42 -2.24
N GLU B 193 -22.29 11.59 -2.68
CA GLU B 193 -23.03 10.71 -1.75
C GLU B 193 -22.00 10.03 -0.83
N LEU B 194 -22.21 10.11 0.48
CA LEU B 194 -21.23 9.63 1.46
C LEU B 194 -19.76 10.00 1.14
N ALA B 195 -19.54 11.26 0.79
CA ALA B 195 -18.19 11.81 0.56
C ALA B 195 -17.21 11.48 1.64
N LEU B 196 -15.93 11.52 1.28
CA LEU B 196 -14.83 11.15 2.20
C LEU B 196 -13.92 12.32 2.58
N THR B 197 -14.15 13.48 1.97
CA THR B 197 -13.38 14.71 2.24
C THR B 197 -14.32 15.92 2.37
N SER B 198 -14.15 16.71 3.42
CA SER B 198 -14.84 18.00 3.55
C SER B 198 -14.77 18.73 2.22
N SER B 199 -15.79 19.49 1.90
CA SER B 199 -15.87 20.10 0.59
C SER B 199 -15.24 21.49 0.62
N PRO B 200 -14.98 22.07 -0.55
CA PRO B 200 -14.53 23.45 -0.56
C PRO B 200 -15.71 24.36 -0.24
N ASN B 201 -15.44 25.54 0.29
CA ASN B 201 -16.51 26.53 0.53
C ASN B 201 -17.30 26.84 -0.77
N PHE B 202 -18.61 26.53 -0.76
CA PHE B 202 -19.51 26.76 -1.91
C PHE B 202 -20.23 28.12 -1.82
N SER B 203 -20.58 28.66 -2.97
CA SER B 203 -21.40 29.88 -3.06
C SER B 203 -22.84 29.50 -3.46
N GLN B 204 -23.73 30.48 -3.47
CA GLN B 204 -25.19 30.25 -3.62
C GLN B 204 -25.67 29.76 -5.02
N ASP B 205 -24.94 30.15 -6.06
CA ASP B 205 -25.15 29.59 -7.41
C ASP B 205 -24.74 28.12 -7.44
N ASP B 206 -23.58 27.81 -6.84
CA ASP B 206 -23.00 26.45 -6.78
C ASP B 206 -24.04 25.38 -6.39
N LEU B 207 -25.09 25.78 -5.67
CA LEU B 207 -26.09 24.82 -5.16
C LEU B 207 -27.46 25.08 -5.77
N GLY B 208 -28.38 24.18 -5.44
CA GLY B 208 -29.75 24.22 -5.95
C GLY B 208 -30.79 24.25 -4.84
N GLU B 209 -31.79 23.36 -4.97
CA GLU B 209 -32.98 23.37 -4.11
C GLU B 209 -32.85 22.42 -2.91
N PRO B 210 -33.06 22.92 -1.67
CA PRO B 210 -32.85 22.05 -0.52
C PRO B 210 -33.96 21.05 -0.31
N VAL B 211 -33.59 19.90 0.25
CA VAL B 211 -34.55 18.88 0.62
C VAL B 211 -35.25 19.26 1.91
N LEU B 212 -34.56 20.06 2.74
CA LEU B 212 -35.03 20.43 4.08
C LEU B 212 -34.70 21.90 4.38
N GLN B 213 -35.69 22.65 4.83
CA GLN B 213 -35.51 24.06 5.15
C GLN B 213 -36.36 24.42 6.36
N THR B 214 -35.74 24.51 7.54
CA THR B 214 -36.48 24.64 8.78
C THR B 214 -35.84 25.69 9.71
N VAL B 215 -36.63 26.24 10.63
CA VAL B 215 -36.11 27.03 11.77
C VAL B 215 -36.11 26.20 13.06
N LEU B 216 -34.93 25.80 13.53
CA LEU B 216 -34.85 24.98 14.74
C LEU B 216 -35.16 25.81 15.96
N GLU B 217 -35.66 25.16 17.01
CA GLU B 217 -35.89 25.80 18.30
C GLU B 217 -35.37 24.88 19.37
N PRO B 218 -35.00 25.45 20.53
CA PRO B 218 -34.37 24.60 21.53
C PRO B 218 -35.09 23.30 21.70
N GLY B 219 -34.34 22.26 22.01
CA GLY B 219 -34.88 20.90 22.07
C GLY B 219 -34.88 20.15 20.75
N ASP B 220 -35.07 20.84 19.63
CA ASP B 220 -35.03 20.18 18.32
C ASP B 220 -33.70 19.43 18.07
N LEU B 221 -33.76 18.46 17.17
CA LEU B 221 -32.58 17.76 16.67
C LEU B 221 -32.65 17.68 15.16
N LEU B 222 -31.53 17.98 14.51
CA LEU B 222 -31.37 17.85 13.05
C LEU B 222 -30.17 16.98 12.75
N TYR B 223 -30.38 15.92 11.97
CA TYR B 223 -29.31 14.99 11.59
C TYR B 223 -29.18 14.90 10.09
N PHE B 224 -27.96 14.81 9.59
CA PHE B 224 -27.73 14.54 8.18
C PHE B 224 -26.38 13.86 7.95
N PRO B 225 -26.32 12.94 6.97
CA PRO B 225 -25.11 12.24 6.58
C PRO B 225 -24.10 13.10 5.85
N ARG B 226 -22.83 12.69 5.95
CA ARG B 226 -21.71 13.30 5.22
C ARG B 226 -21.95 13.38 3.73
N GLY B 227 -21.50 14.44 3.10
CA GLY B 227 -21.79 14.65 1.67
C GLY B 227 -23.01 15.52 1.42
N PHE B 228 -23.91 15.54 2.41
CA PHE B 228 -25.08 16.44 2.44
C PHE B 228 -24.59 17.83 2.75
N ILE B 229 -24.80 18.74 1.80
CA ILE B 229 -24.43 20.16 1.96
C ILE B 229 -25.38 20.83 2.94
N HIS B 230 -24.90 21.86 3.64
CA HIS B 230 -25.72 22.57 4.60
C HIS B 230 -25.18 23.94 4.94
N GLN B 231 -26.10 24.88 5.15
CA GLN B 231 -25.80 26.20 5.71
C GLN B 231 -26.87 26.64 6.68
N ALA B 232 -26.51 27.56 7.56
CA ALA B 232 -27.47 28.07 8.56
C ALA B 232 -27.29 29.56 8.83
N GLU B 233 -28.28 30.19 9.46
CA GLU B 233 -28.22 31.61 9.79
C GLU B 233 -29.16 32.00 10.91
N CYS B 234 -28.78 33.06 11.62
CA CYS B 234 -29.70 33.77 12.50
C CYS B 234 -30.41 34.86 11.70
N GLN B 235 -31.66 35.04 12.06
CA GLN B 235 -32.52 36.05 11.48
C GLN B 235 -33.15 36.75 12.70
N ASP B 236 -34.33 37.34 12.54
CA ASP B 236 -35.05 37.95 13.68
C ASP B 236 -34.14 38.88 14.49
N GLY B 237 -34.08 38.62 15.79
CA GLY B 237 -33.17 39.33 16.64
C GLY B 237 -32.47 38.41 17.60
N VAL B 238 -32.77 37.11 17.61
CA VAL B 238 -32.24 36.27 18.69
C VAL B 238 -30.89 35.55 18.37
N HIS B 239 -30.09 35.37 19.42
CA HIS B 239 -28.88 34.62 19.31
C HIS B 239 -29.24 33.16 18.96
N SER B 240 -28.25 32.38 18.52
CA SER B 240 -28.43 30.93 18.38
C SER B 240 -27.31 30.16 19.03
N LEU B 241 -27.65 29.19 19.87
CA LEU B 241 -26.64 28.28 20.38
C LEU B 241 -27.01 26.85 20.01
N HIS B 242 -26.02 26.10 19.47
CA HIS B 242 -26.15 24.66 19.24
C HIS B 242 -24.86 23.92 19.41
N LEU B 243 -24.99 22.72 19.92
CA LEU B 243 -23.92 21.74 19.97
C LEU B 243 -24.14 20.75 18.83
N THR B 244 -23.21 20.66 17.86
CA THR B 244 -23.29 19.55 16.91
C THR B 244 -22.33 18.43 17.27
N LEU B 245 -22.91 17.24 17.31
CA LEU B 245 -22.27 15.99 17.64
C LEU B 245 -21.85 15.39 16.30
N SER B 246 -20.68 14.75 16.26
CA SER B 246 -20.14 14.17 15.01
C SER B 246 -19.30 12.90 15.19
N THR B 247 -19.41 12.01 14.22
CA THR B 247 -18.75 10.72 14.28
C THR B 247 -18.70 10.12 12.90
N TYR B 248 -18.08 8.95 12.80
CA TYR B 248 -18.01 8.17 11.56
C TYR B 248 -17.07 8.81 10.55
N GLN B 249 -16.03 9.43 11.06
CA GLN B 249 -14.93 9.87 10.24
C GLN B 249 -13.99 8.71 9.92
N ARG B 250 -13.91 8.39 8.63
CA ARG B 250 -12.98 7.38 8.11
C ARG B 250 -13.34 5.99 8.58
N ASN B 251 -14.64 5.71 8.66
CA ASN B 251 -15.11 4.46 9.21
C ASN B 251 -15.82 3.61 8.20
N THR B 252 -15.30 3.63 6.97
CA THR B 252 -15.91 2.93 5.85
C THR B 252 -15.27 1.60 5.55
N TRP B 253 -16.07 0.73 4.92
CA TRP B 253 -15.56 -0.51 4.32
C TRP B 253 -14.28 -0.25 3.53
N GLY B 254 -14.32 0.79 2.71
CA GLY B 254 -13.15 1.19 1.94
C GLY B 254 -11.92 1.27 2.82
N ASP B 255 -12.00 2.10 3.85
CA ASP B 255 -10.88 2.31 4.77
C ASP B 255 -10.47 1.00 5.43
N PHE B 256 -11.42 0.10 5.63
CA PHE B 256 -11.09 -1.24 6.16
C PHE B 256 -10.29 -2.01 5.11
N LEU B 257 -10.77 -1.97 3.88
CA LEU B 257 -10.12 -2.69 2.80
C LEU B 257 -8.68 -2.23 2.63
N GLU B 258 -8.48 -0.92 2.58
CA GLU B 258 -7.13 -0.33 2.50
C GLU B 258 -6.06 -1.02 3.32
N ALA B 259 -6.44 -1.43 4.53
CA ALA B 259 -5.55 -2.09 5.49
C ALA B 259 -5.42 -3.58 5.20
N ILE B 260 -6.58 -4.18 4.96
CA ILE B 260 -6.72 -5.58 4.59
C ILE B 260 -5.76 -5.98 3.48
N LEU B 261 -5.82 -5.24 2.37
CA LEU B 261 -5.27 -5.72 1.09
C LEU B 261 -3.77 -5.90 1.05
N PRO B 262 -3.01 -4.86 1.39
CA PRO B 262 -1.58 -5.06 1.49
C PRO B 262 -1.13 -6.30 2.26
N LEU B 263 -1.82 -6.63 3.34
CA LEU B 263 -1.46 -7.81 4.12
C LEU B 263 -1.94 -9.07 3.42
N ALA B 264 -3.09 -8.97 2.77
CA ALA B 264 -3.64 -10.11 2.01
C ALA B 264 -2.68 -10.64 0.94
N VAL B 265 -2.02 -9.72 0.24
CA VAL B 265 -1.15 -10.04 -0.87
C VAL B 265 0.13 -10.66 -0.35
N GLN B 266 0.63 -10.08 0.73
CA GLN B 266 1.78 -10.61 1.41
C GLN B 266 1.50 -12.08 1.74
N ALA B 267 0.47 -12.33 2.54
CA ALA B 267 -0.02 -13.69 2.81
C ALA B 267 -0.13 -14.58 1.58
N ALA B 268 -0.83 -14.08 0.57
CA ALA B 268 -1.02 -14.83 -0.66
C ALA B 268 0.31 -15.23 -1.24
N MET B 269 1.27 -14.33 -1.15
CA MET B 269 2.56 -14.55 -1.75
C MET B 269 3.39 -15.57 -0.97
N GLU B 270 3.24 -15.59 0.35
CA GLU B 270 3.99 -16.51 1.19
C GLU B 270 3.46 -17.92 1.15
N GLU B 271 2.13 -18.04 1.00
CA GLU B 271 1.44 -19.32 1.18
C GLU B 271 1.03 -20.01 -0.10
N ASN B 272 0.70 -19.25 -1.14
CA ASN B 272 0.32 -19.81 -2.44
C ASN B 272 1.33 -19.44 -3.53
N VAL B 273 1.68 -20.40 -4.36
CA VAL B 273 2.73 -20.27 -5.35
C VAL B 273 2.27 -19.59 -6.64
N GLU B 274 0.97 -19.60 -6.89
CA GLU B 274 0.49 -18.94 -8.07
C GLU B 274 0.82 -17.46 -7.99
N PHE B 275 0.84 -16.93 -6.78
CA PHE B 275 1.12 -15.51 -6.57
C PHE B 275 2.61 -15.22 -6.78
N ARG B 276 3.42 -16.26 -6.76
CA ARG B 276 4.87 -16.16 -6.81
C ARG B 276 5.45 -16.47 -8.19
N ARG B 277 4.58 -16.85 -9.13
CA ARG B 277 4.99 -17.08 -10.51
C ARG B 277 5.29 -15.82 -11.26
N GLY B 278 6.08 -16.01 -12.31
CA GLY B 278 6.58 -14.89 -13.09
C GLY B 278 5.61 -14.44 -14.16
N LEU B 279 5.58 -13.12 -14.43
CA LEU B 279 4.65 -12.56 -15.42
C LEU B 279 5.05 -12.96 -16.82
N PRO B 280 4.14 -12.83 -17.76
CA PRO B 280 4.61 -13.13 -19.08
C PRO B 280 5.83 -12.30 -19.33
N ARG B 281 6.67 -12.75 -20.27
CA ARG B 281 7.91 -12.06 -20.62
C ARG B 281 7.60 -10.92 -21.58
N ASP B 282 6.61 -11.14 -22.44
CA ASP B 282 6.26 -10.13 -23.43
C ASP B 282 5.00 -9.42 -23.10
N PHE B 283 4.73 -9.21 -21.82
CA PHE B 283 3.45 -8.62 -21.44
C PHE B 283 3.34 -7.17 -21.83
N MET B 284 4.47 -6.50 -21.98
CA MET B 284 4.48 -5.07 -22.22
C MET B 284 4.35 -4.77 -23.71
N ASP B 285 4.25 -5.81 -24.52
CA ASP B 285 3.95 -5.67 -25.93
C ASP B 285 2.48 -5.44 -26.12
N TYR B 286 1.67 -5.68 -25.09
CA TYR B 286 0.23 -5.49 -25.20
C TYR B 286 -0.41 -4.84 -23.97
N MET B 287 0.37 -4.19 -23.12
CA MET B 287 -0.19 -3.63 -21.90
C MET B 287 0.44 -2.31 -21.51
N GLY B 288 -0.38 -1.28 -21.45
CA GLY B 288 0.09 0.05 -21.16
C GLY B 288 -0.89 1.01 -21.76
N ALA B 289 -0.99 2.21 -21.20
CA ALA B 289 -1.78 3.28 -21.81
C ALA B 289 -1.54 3.24 -23.29
N GLN B 290 -0.24 3.18 -23.63
CA GLN B 290 0.27 3.12 -25.00
C GLN B 290 -0.47 2.11 -25.92
N HIS B 291 -1.05 1.06 -25.34
CA HIS B 291 -1.84 0.05 -26.07
C HIS B 291 -3.25 0.01 -25.56
N SER B 292 -3.78 1.20 -25.21
CA SER B 292 -5.09 1.30 -24.56
C SER B 292 -6.10 0.46 -25.35
N ASP B 293 -5.78 0.21 -26.61
CA ASP B 293 -6.78 -0.23 -27.59
C ASP B 293 -6.33 -1.46 -28.37
N SER B 294 -5.42 -2.25 -27.80
CA SER B 294 -4.90 -3.43 -28.51
C SER B 294 -6.03 -4.45 -28.82
N LYS B 295 -5.95 -5.02 -30.01
CA LYS B 295 -6.88 -6.06 -30.42
C LYS B 295 -6.40 -7.40 -29.87
N ASP B 296 -5.14 -7.46 -29.42
CA ASP B 296 -4.53 -8.72 -28.99
C ASP B 296 -5.46 -9.39 -27.97
N PRO B 297 -5.75 -10.70 -28.16
CA PRO B 297 -6.63 -11.42 -27.21
C PRO B 297 -5.93 -11.98 -25.97
N ARG B 298 -4.83 -11.36 -25.59
CA ARG B 298 -4.06 -11.75 -24.42
C ARG B 298 -3.88 -10.55 -23.58
N ARG B 299 -4.14 -9.40 -24.19
CA ARG B 299 -4.42 -8.16 -23.47
C ARG B 299 -5.51 -8.47 -22.43
N THR B 300 -6.49 -9.22 -22.89
CA THR B 300 -7.73 -9.43 -22.15
C THR B 300 -7.67 -10.69 -21.22
N ALA B 301 -6.80 -11.63 -21.54
CA ALA B 301 -6.55 -12.72 -20.63
C ALA B 301 -5.74 -12.24 -19.43
N PHE B 302 -4.82 -11.32 -19.68
CA PHE B 302 -4.00 -10.74 -18.64
C PHE B 302 -4.97 -10.10 -17.67
N MET B 303 -5.82 -9.28 -18.25
CA MET B 303 -6.79 -8.54 -17.47
C MET B 303 -7.58 -9.43 -16.57
N GLU B 304 -8.04 -10.56 -17.10
CA GLU B 304 -8.78 -11.47 -16.29
C GLU B 304 -7.96 -12.01 -15.18
N LYS B 305 -6.78 -12.55 -15.50
CA LYS B 305 -5.97 -13.17 -14.47
C LYS B 305 -5.74 -12.24 -13.26
N VAL B 306 -5.68 -10.94 -13.53
CA VAL B 306 -5.46 -9.99 -12.46
C VAL B 306 -6.71 -9.94 -11.60
N ARG B 307 -7.87 -10.06 -12.20
CA ARG B 307 -9.11 -10.02 -11.45
C ARG B 307 -9.28 -11.29 -10.69
N VAL B 308 -9.11 -12.46 -11.31
CA VAL B 308 -9.33 -13.67 -10.51
C VAL B 308 -8.31 -13.66 -9.37
N LEU B 309 -7.04 -13.38 -9.63
CA LEU B 309 -6.06 -13.33 -8.53
C LEU B 309 -6.44 -12.32 -7.47
N VAL B 310 -6.96 -11.17 -7.89
CA VAL B 310 -7.40 -10.17 -6.94
C VAL B 310 -8.55 -10.70 -6.09
N ALA B 311 -9.47 -11.41 -6.74
CA ALA B 311 -10.58 -12.04 -6.04
C ALA B 311 -10.07 -13.06 -5.02
N ARG B 312 -9.10 -13.88 -5.44
CA ARG B 312 -8.50 -14.90 -4.55
C ARG B 312 -7.95 -14.34 -3.25
N LEU B 313 -7.65 -13.05 -3.21
CA LEU B 313 -7.14 -12.43 -1.99
C LEU B 313 -8.16 -12.45 -0.86
N GLY B 314 -9.46 -12.41 -1.16
CA GLY B 314 -10.53 -12.56 -0.16
C GLY B 314 -10.23 -13.66 0.86
N HIS B 315 -9.80 -14.81 0.35
CA HIS B 315 -9.33 -15.92 1.17
C HIS B 315 -8.13 -15.59 2.10
N PHE B 316 -7.19 -14.76 1.68
CA PHE B 316 -5.92 -14.59 2.43
C PHE B 316 -5.88 -13.40 3.39
N ALA B 317 -7.00 -12.68 3.49
CA ALA B 317 -7.02 -11.41 4.19
C ALA B 317 -7.21 -11.58 5.68
N PRO B 318 -6.30 -11.04 6.51
CA PRO B 318 -6.45 -11.10 7.96
C PRO B 318 -7.56 -10.16 8.43
N VAL B 319 -8.77 -10.68 8.36
CA VAL B 319 -9.97 -9.87 8.57
C VAL B 319 -10.04 -9.54 10.06
N ASP B 320 -9.85 -10.56 10.88
CA ASP B 320 -9.89 -10.37 12.32
C ASP B 320 -8.79 -9.43 12.73
N ALA B 321 -7.54 -9.85 12.52
CA ALA B 321 -6.37 -9.03 12.86
C ALA B 321 -6.48 -7.52 12.62
N VAL B 322 -7.21 -7.14 11.57
CA VAL B 322 -7.45 -5.72 11.21
C VAL B 322 -8.61 -5.09 11.97
N ALA B 323 -9.66 -5.87 12.25
CA ALA B 323 -10.75 -5.41 13.12
C ALA B 323 -10.16 -5.01 14.45
N ASP B 324 -9.39 -5.92 15.06
CA ASP B 324 -8.65 -5.64 16.30
C ASP B 324 -7.81 -4.36 16.28
N GLN B 325 -7.20 -4.08 15.14
CA GLN B 325 -6.32 -2.95 15.01
C GLN B 325 -7.09 -1.67 14.87
N ARG B 326 -8.32 -1.79 14.40
CA ARG B 326 -9.17 -0.63 14.27
C ARG B 326 -9.77 -0.30 15.63
N ALA B 327 -10.23 -1.33 16.34
CA ALA B 327 -10.65 -1.17 17.72
C ALA B 327 -9.53 -0.49 18.50
N LYS B 328 -8.33 -1.06 18.49
CA LYS B 328 -7.19 -0.42 19.16
C LYS B 328 -7.21 1.08 18.94
N ASP B 329 -7.44 1.47 17.70
CA ASP B 329 -7.49 2.88 17.38
C ASP B 329 -8.70 3.57 18.04
N PHE B 330 -9.85 2.91 18.06
CA PHE B 330 -11.04 3.45 18.75
C PHE B 330 -10.74 3.70 20.23
N ILE B 331 -9.98 2.78 20.84
CA ILE B 331 -9.66 2.85 22.27
C ILE B 331 -8.83 4.10 22.54
N HIS B 332 -7.65 4.11 21.96
CA HIS B 332 -6.77 5.25 22.04
C HIS B 332 -7.49 6.55 21.55
N ASP B 333 -8.60 6.37 20.83
CA ASP B 333 -9.43 7.47 20.34
C ASP B 333 -10.53 7.93 21.31
N SER B 334 -10.88 7.08 22.27
CA SER B 334 -12.11 7.25 23.05
C SER B 334 -11.92 8.19 24.22
N LEU B 335 -13.01 8.85 24.60
CA LEU B 335 -13.05 9.63 25.83
C LEU B 335 -13.17 8.66 27.01
N PRO B 336 -12.50 8.96 28.14
CA PRO B 336 -12.45 8.03 29.26
C PRO B 336 -13.86 7.86 29.84
N PRO B 337 -14.07 6.79 30.58
CA PRO B 337 -15.46 6.47 30.94
C PRO B 337 -16.00 7.39 32.02
N VAL B 338 -17.29 7.67 31.93
CA VAL B 338 -18.00 8.34 33.02
C VAL B 338 -18.62 7.23 33.82
N LEU B 339 -18.18 7.14 35.09
CA LEU B 339 -18.63 6.07 36.00
C LEU B 339 -20.01 6.39 36.59
N THR B 340 -20.77 5.34 36.93
CA THR B 340 -21.94 5.53 37.77
C THR B 340 -21.41 5.53 39.21
N ASP B 341 -22.29 5.87 40.15
CA ASP B 341 -21.91 5.96 41.57
C ASP B 341 -21.61 4.58 42.14
N ARG B 342 -22.46 3.62 41.75
CA ARG B 342 -22.29 2.21 42.14
C ARG B 342 -20.92 1.68 41.71
N GLU B 343 -20.63 1.84 40.42
CA GLU B 343 -19.34 1.47 39.81
C GLU B 343 -18.15 2.09 40.56
N ARG B 344 -18.18 3.42 40.71
CA ARG B 344 -17.13 4.17 41.42
C ARG B 344 -16.77 3.53 42.78
N ALA B 345 -17.82 3.33 43.58
CA ALA B 345 -17.72 2.78 44.94
C ALA B 345 -17.12 1.37 44.97
N LEU B 346 -17.65 0.49 44.12
CA LEU B 346 -17.14 -0.88 43.94
C LEU B 346 -15.69 -0.96 43.41
N SER B 347 -15.20 0.11 42.79
CA SER B 347 -13.88 0.16 42.15
C SER B 347 -12.77 0.71 43.04
N VAL B 348 -11.55 0.68 42.50
CA VAL B 348 -10.35 1.33 43.10
C VAL B 348 -10.50 2.85 43.24
N TYR B 349 -11.27 3.47 42.34
CA TYR B 349 -11.54 4.92 42.37
C TYR B 349 -12.24 5.32 43.66
N GLY B 350 -13.17 4.48 44.11
CA GLY B 350 -13.81 4.63 45.43
C GLY B 350 -12.79 4.67 46.56
N GLN B 354 -8.37 -5.27 50.57
CA GLN B 354 -7.70 -6.05 49.53
C GLN B 354 -8.72 -6.93 48.78
N LEU B 355 -8.36 -8.17 48.40
CA LEU B 355 -9.24 -9.06 47.59
C LEU B 355 -8.75 -10.51 47.60
N THR B 356 -9.62 -11.45 47.23
CA THR B 356 -9.32 -12.90 47.35
C THR B 356 -10.07 -13.75 46.34
N THR B 357 -9.74 -15.06 46.33
CA THR B 357 -10.41 -16.07 45.47
C THR B 357 -11.94 -16.12 45.61
N GLU B 358 -12.47 -15.36 46.57
CA GLU B 358 -13.90 -15.07 46.70
C GLU B 358 -14.22 -13.67 46.17
N HIS B 362 -16.48 -8.42 38.00
CA HIS B 362 -16.55 -8.38 36.53
C HIS B 362 -15.89 -7.10 35.97
N MET B 363 -16.06 -6.85 34.66
CA MET B 363 -15.44 -5.69 33.99
C MET B 363 -16.03 -4.33 34.41
N LEU B 364 -15.18 -3.35 34.74
CA LEU B 364 -15.63 -2.01 35.18
C LEU B 364 -16.78 -1.42 34.32
N GLN B 365 -16.58 -1.47 32.99
CA GLN B 365 -17.60 -1.15 31.97
C GLN B 365 -17.41 -2.06 30.75
N ASP B 366 -18.31 -1.98 29.78
CA ASP B 366 -18.27 -2.85 28.59
C ASP B 366 -17.33 -2.34 27.48
N GLY B 367 -17.21 -1.02 27.33
CA GLY B 367 -16.39 -0.44 26.24
C GLY B 367 -15.14 0.31 26.66
N ILE B 368 -14.27 -0.32 27.45
CA ILE B 368 -13.08 0.36 27.96
C ILE B 368 -11.76 -0.35 27.65
N ALA B 369 -11.87 -1.55 27.10
CA ALA B 369 -10.70 -2.41 26.89
C ALA B 369 -10.89 -3.41 25.75
N ARG B 370 -9.79 -3.72 25.08
CA ARG B 370 -9.78 -4.67 23.98
C ARG B 370 -8.48 -5.45 24.08
N LEU B 371 -8.55 -6.76 23.83
CA LEU B 371 -7.36 -7.63 23.80
C LEU B 371 -6.86 -7.87 22.36
N VAL B 372 -5.56 -7.65 22.14
CA VAL B 372 -4.98 -7.57 20.78
C VAL B 372 -3.59 -8.20 20.68
N GLY B 373 -3.48 -9.28 19.93
CA GLY B 373 -2.19 -9.95 19.72
C GLY B 373 -1.30 -9.28 18.67
N GLU B 374 -0.18 -8.70 19.10
CA GLU B 374 0.78 -8.08 18.18
C GLU B 374 2.17 -8.62 18.38
N GLY B 375 2.70 -9.31 17.36
CA GLY B 375 4.01 -9.95 17.45
C GLY B 375 4.00 -11.11 18.43
N GLY B 376 3.13 -12.09 18.19
CA GLY B 376 3.00 -13.28 19.05
C GLY B 376 2.81 -12.97 20.53
N HIS B 377 2.53 -11.71 20.84
CA HIS B 377 2.33 -11.27 22.20
C HIS B 377 0.82 -11.04 22.39
N LEU B 378 0.46 -10.43 23.50
CA LEU B 378 -0.93 -10.17 23.84
C LEU B 378 -0.94 -8.87 24.63
N PHE B 379 -1.79 -7.95 24.24
CA PHE B 379 -1.86 -6.68 24.93
C PHE B 379 -3.29 -6.31 25.14
N LEU B 380 -3.59 -5.84 26.34
CA LEU B 380 -4.92 -5.36 26.66
C LEU B 380 -4.89 -3.84 26.59
N TYR B 381 -5.49 -3.26 25.57
CA TYR B 381 -5.54 -1.79 25.43
C TYR B 381 -6.77 -1.28 26.14
N TYR B 382 -6.63 -0.14 26.81
CA TYR B 382 -7.71 0.40 27.62
C TYR B 382 -7.85 1.93 27.55
N THR B 383 -9.06 2.38 27.92
CA THR B 383 -9.48 3.79 27.77
C THR B 383 -9.30 4.63 29.04
N VAL B 384 -9.35 3.97 30.18
CA VAL B 384 -9.53 4.63 31.50
C VAL B 384 -8.41 5.58 31.93
N GLU B 385 -7.40 5.77 31.09
CA GLU B 385 -6.36 6.77 31.36
C GLU B 385 -6.19 7.77 30.23
N ASN B 386 -7.25 7.91 29.41
CA ASN B 386 -7.24 8.85 28.29
C ASN B 386 -7.70 10.21 28.78
N SER B 387 -7.06 11.25 28.28
CA SER B 387 -7.49 12.61 28.52
C SER B 387 -8.89 12.87 27.98
N ARG B 388 -9.40 14.07 28.19
CA ARG B 388 -10.67 14.48 27.62
C ARG B 388 -10.41 15.33 26.39
N VAL B 389 -9.12 15.39 26.02
CA VAL B 389 -8.64 15.90 24.74
C VAL B 389 -8.21 14.72 23.85
N TYR B 390 -8.69 14.73 22.59
CA TYR B 390 -8.33 13.73 21.58
C TYR B 390 -6.81 13.47 21.55
N HIS B 391 -6.42 12.20 21.62
CA HIS B 391 -5.02 11.77 21.37
C HIS B 391 -3.96 12.56 22.17
N LEU B 392 -4.36 13.25 23.24
CA LEU B 392 -3.39 13.96 24.08
C LEU B 392 -2.54 12.93 24.82
N GLU B 393 -3.11 11.74 25.01
CA GLU B 393 -2.38 10.59 25.57
C GLU B 393 -1.94 9.56 24.48
N GLU B 394 -0.71 9.04 24.61
CA GLU B 394 -0.20 7.96 23.75
C GLU B 394 -0.98 6.70 24.15
N PRO B 395 -1.14 5.71 23.23
CA PRO B 395 -1.99 4.56 23.60
C PRO B 395 -1.54 3.89 24.88
N LYS B 396 -2.49 3.35 25.62
CA LYS B 396 -2.19 2.72 26.90
C LYS B 396 -2.67 1.27 26.93
N CYS B 397 -1.69 0.37 27.13
CA CYS B 397 -1.99 -1.04 27.26
C CYS B 397 -1.22 -1.68 28.41
N LEU B 398 -1.37 -2.99 28.55
CA LEU B 398 -0.53 -3.80 29.44
C LEU B 398 -0.43 -5.23 28.87
N GLU B 399 0.66 -5.93 29.21
CA GLU B 399 0.93 -7.27 28.66
C GLU B 399 0.26 -8.44 29.40
N ILE B 400 -0.65 -9.12 28.73
CA ILE B 400 -1.20 -10.37 29.25
C ILE B 400 -0.23 -11.50 28.87
N TYR B 401 0.03 -12.39 29.82
CA TYR B 401 0.85 -13.57 29.57
C TYR B 401 -0.10 -14.74 29.30
N PRO B 402 0.25 -15.59 28.31
CA PRO B 402 -0.59 -16.70 27.81
C PRO B 402 -1.42 -17.41 28.89
N GLN B 403 -0.77 -17.75 30.00
CA GLN B 403 -1.39 -18.38 31.18
C GLN B 403 -2.75 -17.75 31.54
N GLN B 404 -2.84 -16.42 31.37
CA GLN B 404 -4.01 -15.64 31.77
C GLN B 404 -4.93 -15.24 30.64
N ALA B 405 -4.52 -15.58 29.42
CA ALA B 405 -5.24 -15.18 28.22
C ALA B 405 -6.70 -15.59 28.29
N ASP B 406 -6.92 -16.87 28.57
CA ASP B 406 -8.28 -17.42 28.60
C ASP B 406 -9.16 -16.62 29.56
N ALA B 407 -8.67 -16.46 30.79
CA ALA B 407 -9.40 -15.74 31.84
C ALA B 407 -9.85 -14.36 31.38
N MET B 408 -8.88 -13.56 30.94
CA MET B 408 -9.10 -12.22 30.39
C MET B 408 -10.15 -12.19 29.29
N GLU B 409 -10.10 -13.19 28.39
CA GLU B 409 -11.08 -13.35 27.32
C GLU B 409 -12.51 -13.58 27.84
N LEU B 410 -12.63 -14.41 28.87
CA LEU B 410 -13.92 -14.68 29.52
C LEU B 410 -14.51 -13.40 30.12
N LEU B 411 -13.71 -12.71 30.93
CA LEU B 411 -14.06 -11.45 31.62
C LEU B 411 -14.74 -10.42 30.73
N LEU B 412 -14.19 -10.29 29.52
CA LEU B 412 -14.66 -9.36 28.47
C LEU B 412 -15.91 -9.88 27.76
N GLY B 413 -15.94 -11.19 27.51
CA GLY B 413 -17.06 -11.84 26.82
C GLY B 413 -18.30 -12.03 27.67
N SER B 414 -18.11 -12.04 28.99
CA SER B 414 -19.21 -12.24 29.96
C SER B 414 -19.31 -11.10 31.02
N TYR B 415 -19.43 -9.87 30.54
CA TYR B 415 -20.00 -8.73 31.29
C TYR B 415 -21.52 -8.69 30.96
N PRO B 416 -22.39 -8.24 31.89
CA PRO B 416 -22.14 -7.86 33.27
C PRO B 416 -22.45 -9.00 34.26
N GLU B 417 -21.78 -10.14 34.10
CA GLU B 417 -21.96 -11.27 35.01
C GLU B 417 -20.72 -11.38 35.88
N PHE B 418 -20.95 -11.54 37.19
CA PHE B 418 -19.86 -11.59 38.17
C PHE B 418 -19.20 -12.98 38.15
N VAL B 419 -17.92 -13.01 38.46
CA VAL B 419 -17.18 -14.26 38.44
C VAL B 419 -16.36 -14.32 39.70
N ARG B 420 -16.33 -15.48 40.34
CA ARG B 420 -15.42 -15.68 41.47
C ARG B 420 -13.99 -15.72 40.95
N VAL B 421 -13.09 -14.94 41.58
CA VAL B 421 -11.64 -14.95 41.24
C VAL B 421 -11.06 -16.39 41.14
N GLY B 422 -11.59 -17.29 41.98
CA GLY B 422 -11.24 -18.71 41.95
C GLY B 422 -11.98 -19.60 40.93
N ASP B 423 -12.67 -18.97 39.99
CA ASP B 423 -13.27 -19.68 38.85
C ASP B 423 -12.77 -19.14 37.51
N LEU B 424 -11.70 -18.34 37.57
CA LEU B 424 -11.04 -17.81 36.37
C LEU B 424 -10.08 -18.87 35.79
N PRO B 425 -10.40 -19.41 34.57
CA PRO B 425 -9.70 -20.58 34.00
C PRO B 425 -8.21 -20.37 33.71
N CYS B 426 -7.42 -20.26 34.78
CA CYS B 426 -5.96 -20.18 34.72
C CYS B 426 -5.39 -21.55 35.13
N ASP B 427 -4.07 -21.65 35.19
CA ASP B 427 -3.41 -22.85 35.74
C ASP B 427 -3.55 -22.82 37.26
N SER B 428 -2.92 -21.83 37.87
CA SER B 428 -2.77 -21.74 39.31
C SER B 428 -3.64 -20.63 39.93
N VAL B 429 -3.48 -20.46 41.24
CA VAL B 429 -4.10 -19.39 42.03
C VAL B 429 -3.10 -18.23 42.24
N GLU B 430 -1.85 -18.43 41.82
CA GLU B 430 -0.91 -17.30 41.60
C GLU B 430 -1.40 -16.39 40.42
N ASP B 431 -1.78 -17.05 39.33
CA ASP B 431 -2.33 -16.40 38.13
C ASP B 431 -3.60 -15.62 38.47
N GLN B 432 -4.65 -16.34 38.89
CA GLN B 432 -5.99 -15.76 39.19
C GLN B 432 -5.97 -14.51 40.06
N LEU B 433 -4.97 -14.42 40.94
CA LEU B 433 -4.85 -13.28 41.85
C LEU B 433 -4.07 -12.09 41.24
N SER B 434 -2.98 -12.36 40.52
CA SER B 434 -2.23 -11.27 39.87
C SER B 434 -3.01 -10.62 38.70
N LEU B 435 -3.89 -11.40 38.04
CA LEU B 435 -4.79 -10.91 36.96
C LEU B 435 -5.90 -9.98 37.53
N ALA B 436 -6.72 -10.49 38.44
CA ALA B 436 -7.72 -9.64 39.08
C ALA B 436 -7.08 -8.44 39.83
N THR B 437 -5.89 -8.66 40.43
CA THR B 437 -5.15 -7.60 41.18
C THR B 437 -4.72 -6.44 40.26
N THR B 438 -3.91 -6.78 39.26
CA THR B 438 -3.47 -5.86 38.21
C THR B 438 -4.67 -5.09 37.59
N LEU B 439 -5.65 -5.85 37.07
CA LEU B 439 -6.87 -5.29 36.46
C LEU B 439 -7.54 -4.30 37.39
N TYR B 440 -7.76 -4.73 38.64
CA TYR B 440 -8.49 -3.94 39.61
C TYR B 440 -7.83 -2.58 39.86
N ASP B 441 -6.51 -2.59 39.99
CA ASP B 441 -5.74 -1.40 40.38
C ASP B 441 -5.71 -0.39 39.26
N LYS B 442 -5.53 -0.90 38.05
CA LYS B 442 -5.59 -0.09 36.83
C LYS B 442 -7.00 0.49 36.55
N GLY B 443 -7.96 0.17 37.40
CA GLY B 443 -9.31 0.68 37.30
C GLY B 443 -10.10 0.01 36.21
N LEU B 444 -9.84 -1.28 35.96
CA LEU B 444 -10.49 -1.99 34.86
C LEU B 444 -11.57 -2.93 35.35
N LEU B 445 -11.71 -2.98 36.68
CA LEU B 445 -12.37 -4.09 37.35
C LEU B 445 -13.09 -3.61 38.61
N LEU B 446 -14.37 -3.98 38.71
CA LEU B 446 -15.16 -3.66 39.90
C LEU B 446 -15.56 -4.93 40.63
N THR B 447 -15.57 -4.81 41.96
CA THR B 447 -15.94 -5.89 42.88
C THR B 447 -17.45 -5.80 43.19
N LYS B 448 -18.06 -6.92 43.59
CA LYS B 448 -19.48 -6.88 44.06
C LYS B 448 -19.66 -6.28 45.49
N MET B 449 -18.65 -6.47 46.33
CA MET B 449 -18.62 -5.92 47.69
C MET B 449 -17.31 -5.14 47.90
N PRO B 450 -17.45 -3.86 48.31
CA PRO B 450 -16.29 -2.94 48.49
C PRO B 450 -15.13 -3.58 49.27
N LEU B 451 -13.95 -3.57 48.67
CA LEU B 451 -12.74 -4.14 49.26
C LEU B 451 -12.15 -3.13 50.26
NI NI C . 24.07 -19.32 -6.81
C ACT D . 26.85 -19.61 -8.37
O ACT D . 26.99 -20.32 -7.26
OXT ACT D . 25.87 -18.83 -8.58
CH3 ACT D . 27.88 -19.74 -9.50
NI NI E . -20.76 21.98 8.71
#